data_7T11
#
_entry.id   7T11
#
_cell.length_a   1.00
_cell.length_b   1.00
_cell.length_c   1.00
_cell.angle_alpha   90.00
_cell.angle_beta   90.00
_cell.angle_gamma   90.00
#
_symmetry.space_group_name_H-M   'P 1'
#
loop_
_entity.id
_entity.type
_entity.pdbx_description
1 polymer 'Guanine nucleotide-binding protein G(i) subunit alpha-3'
2 polymer 'Guanine nucleotide-binding protein G(I)/G(S)/G(T) subunit beta-1'
3 polymer 'Guanine nucleotide-binding protein G(I)/G(S)/G(O) subunit gamma-2'
4 polymer scFv16
5 polymer Octreotide
6 polymer 'Somatostatin receptor type 2,Kappa-type opioid receptor'
#
loop_
_entity_poly.entity_id
_entity_poly.type
_entity_poly.pdbx_seq_one_letter_code
_entity_poly.pdbx_strand_id
1 'polypeptide(L)'
;MGCTLSAEDKAAVERSKMIDRNLREDGEKAAKEVKLLLLGAGESGKNTIVKQMKIIHEDGYSEDECKQYKVVVYSNTIQS
IIAIIRAMGRLKIDFGEAARADDARQLFVLAGSAEEGVMTPELAGVIKRLWRDGGVQACFSRSREYQLNDSASYYLNDLD
RISQSNYIPTQQDVLRTRVKTTGIVETHFTFKDLYFKMFDVGAQRSERKKWIHCFEGVTAIIFCVALSDYDLVLAEDEEM
NRMHASMKLFDSICNNKWFTETSIILFLNKKDLFEEKIKRSPLTICYPEYTGSNTYEEAAAYIQCQFEDLNRRKDTKEIY
THFTCSTDTKNVQFVFDAVTDVIIKNNLKECGLY
;
A
2 'polypeptide(L)'
;PGSSGSELDQLRQEAEQLKNQIRDARKACADATLSQITNNIDPVGRIQMRTRRTLRGHLAKIYAMHWGTDSRLLVSASQD
GKLIIWDSYTTNKVHAIPLRSSWVMTCAYAPSGNYVACGGLDNICSIYNLKTREGNVRVSRELAGHTGYLSCCRFLDDNQ
IVTSSGDTTCALWDIETGQQTTTFTGHTGDVMSLSLAPDTRLFVSGACDASAKLWDVREGMCRQTFTGHESDINAICFFP
NGNAFATGSDDATCRLFDLRADQELMTYSHDNIICGITSVSFSKSGRLLLAGYDDFNCNVWDALKADRAGVLAGHDNRVS
CLGVTDDGMAVATGSWDSFLKIWN
;
B
3 'polypeptide(L)' MASNNTASIAQARKLVEQLKMEANIDRIKVSKAAADLMAYCEAHAKEDPLLTPVPASENPFREKKFFCAIL C
4 'polypeptide(L)'
;DVQLVESGGGLVQPGGSRKLSCSASGFAFSSFGMHWVRQAPEKGLEWVAYISSGSGTIYYADTVKGRFTISRDDPKNTLF
LQMTSLRSEDTAMYYCVRSIYYYGSSPFDFWGQGTTLTVSSGGGGSGGGGSGGGGSDIVMTQATSSVPVTPGESVSISCR
SSKSLLHSNGNTYLYWFLQRPGQSPQLLIYRMSNLASGVPDRFSGSGSGTAFTLTISRLEAEDVGVYYCMQHLEYPLTFG
AGTKLELKAAAHHHHHHHH
;
S
5 'polypeptide(L)' (DPN)CF(DTR)KTC(THO) P
6 'polypeptide(L)'
;DYKDDDDAMGQPGNGSAFLLAPNRSHAPDHDVENLYFQGMDMADEPLNGSHTWLSIPFDLNGSVVSTNTSNQTEPYYDLT
SNAVLTFIYFVVCIIGLCGNTLVIYVILRYAKMKTITNIYILNLAIADELFMLGLPFLAMQVALVHWPFGKAICRVVMTV
DGINQFTSIFCLTVMSIDRYLAVVHPIKSAKWRRPRTAKMITMAVWGVSLLVILPIMIYAGLRSNQWGRSSCTINWPGES
GAWYTGFIIYTFILGFLVPLTIICLCYLFIIIKVKSVRLLSGSREKDRNLRKVTRMVSIVVAVFIFCWLPFYIFNVSSVS
MAISPTPALKGMFDFVVVLTYANSCANPILYAFLSDNFKKSFQNVLCLVKVSGTDDGERSDSKQDKSRLNETTETQRTLL
NGDLQTSI
;
R
#
# COMPACT_ATOMS: atom_id res chain seq x y z
N CYS A 3 -0.85 -15.47 -25.31
CA CYS A 3 -0.75 -14.80 -24.01
C CYS A 3 -0.57 -15.82 -22.89
N THR A 4 -0.77 -17.10 -23.22
CA THR A 4 -0.68 -18.19 -22.26
C THR A 4 -1.62 -18.00 -21.08
N LEU A 5 -2.82 -17.46 -21.35
CA LEU A 5 -3.82 -17.25 -20.33
C LEU A 5 -5.19 -17.64 -20.87
N SER A 6 -6.04 -18.13 -19.97
CA SER A 6 -7.40 -18.52 -20.32
C SER A 6 -8.35 -17.36 -20.05
N ALA A 7 -9.63 -17.60 -20.37
CA ALA A 7 -10.64 -16.56 -20.15
C ALA A 7 -10.82 -16.25 -18.67
N GLU A 8 -10.77 -17.29 -17.83
CA GLU A 8 -10.90 -17.09 -16.38
C GLU A 8 -9.78 -16.22 -15.84
N ASP A 9 -8.54 -16.48 -16.27
CA ASP A 9 -7.41 -15.68 -15.81
C ASP A 9 -7.54 -14.22 -16.26
N LYS A 10 -8.00 -14.00 -17.49
CA LYS A 10 -8.19 -12.64 -17.98
C LYS A 10 -9.23 -11.90 -17.16
N ALA A 11 -10.33 -12.57 -16.83
CA ALA A 11 -11.36 -11.94 -16.00
C ALA A 11 -10.82 -11.62 -14.62
N ALA A 12 -10.02 -12.52 -14.05
CA ALA A 12 -9.41 -12.26 -12.74
C ALA A 12 -8.49 -11.04 -12.79
N VAL A 13 -7.68 -10.93 -13.85
CA VAL A 13 -6.77 -9.79 -13.99
C VAL A 13 -7.56 -8.49 -14.10
N GLU A 14 -8.66 -8.51 -14.87
CA GLU A 14 -9.49 -7.31 -15.00
C GLU A 14 -10.08 -6.90 -13.65
N ARG A 15 -10.54 -7.88 -12.87
CA ARG A 15 -11.06 -7.58 -11.54
C ARG A 15 -9.98 -6.98 -10.63
N SER A 16 -8.76 -7.52 -10.70
CA SER A 16 -7.67 -6.97 -9.91
C SER A 16 -7.37 -5.53 -10.28
N LYS A 17 -7.36 -5.21 -11.58
CA LYS A 17 -7.14 -3.84 -12.01
C LYS A 17 -8.24 -2.90 -11.51
N MET A 18 -9.49 -3.34 -11.59
CA MET A 18 -10.57 -2.53 -11.04
C MET A 18 -10.43 -2.30 -9.54
N ILE A 19 -9.83 -3.25 -8.80
CA ILE A 19 -9.57 -3.04 -7.38
C ILE A 19 -8.46 -2.00 -7.16
N ASP A 20 -7.37 -2.09 -7.93
CA ASP A 20 -6.29 -1.11 -7.78
C ASP A 20 -6.76 0.30 -8.05
N ARG A 21 -7.64 0.46 -9.05
CA ARG A 21 -8.16 1.79 -9.36
C ARG A 21 -8.83 2.43 -8.14
N ASN A 22 -9.71 1.66 -7.49
CA ASN A 22 -10.42 2.19 -6.33
C ASN A 22 -9.47 2.46 -5.17
N LEU A 23 -8.48 1.60 -4.96
CA LEU A 23 -7.51 1.86 -3.89
C LEU A 23 -6.77 3.17 -4.11
N ARG A 24 -6.31 3.41 -5.34
CA ARG A 24 -5.59 4.66 -5.63
C ARG A 24 -6.50 5.87 -5.45
N GLU A 25 -7.75 5.77 -5.90
CA GLU A 25 -8.68 6.89 -5.74
C GLU A 25 -8.90 7.20 -4.27
N ASP A 26 -9.10 6.17 -3.45
CA ASP A 26 -9.33 6.39 -2.01
C ASP A 26 -8.11 7.02 -1.35
N GLY A 27 -6.91 6.55 -1.69
CA GLY A 27 -5.72 7.16 -1.11
C GLY A 27 -5.56 8.62 -1.49
N GLU A 28 -5.78 8.94 -2.77
CA GLU A 28 -5.68 10.33 -3.21
C GLU A 28 -6.70 11.21 -2.50
N LYS A 29 -7.91 10.70 -2.31
CA LYS A 29 -8.91 11.46 -1.55
C LYS A 29 -8.48 11.68 -0.11
N ALA A 30 -7.92 10.65 0.53
CA ALA A 30 -7.64 10.74 1.96
C ALA A 30 -6.39 11.56 2.26
N ALA A 31 -5.51 11.74 1.27
CA ALA A 31 -4.24 12.40 1.56
C ALA A 31 -4.39 13.87 1.96
N LYS A 32 -5.55 14.49 1.70
CA LYS A 32 -5.65 15.93 1.84
C LYS A 32 -6.02 16.38 3.25
N GLU A 33 -6.49 15.47 4.10
CA GLU A 33 -7.05 15.88 5.39
C GLU A 33 -5.95 16.26 6.38
N VAL A 34 -6.35 16.97 7.43
CA VAL A 34 -5.45 17.42 8.48
C VAL A 34 -5.71 16.60 9.74
N LYS A 35 -4.65 16.10 10.37
CA LYS A 35 -4.74 15.23 11.53
C LYS A 35 -4.12 15.94 12.74
N LEU A 36 -4.83 15.91 13.87
CA LEU A 36 -4.39 16.53 15.11
C LEU A 36 -4.51 15.55 16.26
N LEU A 37 -3.56 15.60 17.18
CA LEU A 37 -3.55 14.77 18.38
C LEU A 37 -3.80 15.63 19.61
N LEU A 38 -4.69 15.15 20.49
CA LEU A 38 -5.13 15.92 21.65
C LEU A 38 -4.64 15.23 22.91
N LEU A 39 -3.84 15.96 23.70
CA LEU A 39 -3.25 15.44 24.94
C LEU A 39 -3.49 16.41 26.08
N GLY A 40 -3.60 15.86 27.29
CA GLY A 40 -3.80 16.68 28.46
C GLY A 40 -3.99 15.82 29.69
N ALA A 41 -3.84 16.47 30.85
CA ALA A 41 -4.06 15.79 32.12
C ALA A 41 -5.54 15.79 32.47
N GLY A 42 -5.86 15.14 33.59
CA GLY A 42 -7.24 15.07 34.03
C GLY A 42 -7.75 16.44 34.47
N GLU A 43 -9.00 16.72 34.11
CA GLU A 43 -9.66 17.98 34.44
C GLU A 43 -8.85 19.18 33.96
N SER A 44 -8.38 19.10 32.72
CA SER A 44 -7.58 20.16 32.13
C SER A 44 -8.36 21.00 31.10
N GLY A 45 -9.65 20.75 30.95
CA GLY A 45 -10.45 21.48 29.99
C GLY A 45 -10.48 20.93 28.58
N LYS A 46 -10.04 19.68 28.40
CA LYS A 46 -10.10 19.08 27.06
C LYS A 46 -11.53 18.94 26.57
N ASN A 47 -12.44 18.53 27.47
CA ASN A 47 -13.83 18.35 27.08
C ASN A 47 -14.49 19.66 26.64
N THR A 48 -14.16 20.76 27.32
CA THR A 48 -14.69 22.06 26.93
C THR A 48 -14.23 22.45 25.54
N ILE A 49 -12.94 22.21 25.24
CA ILE A 49 -12.41 22.52 23.92
C ILE A 49 -13.07 21.65 22.86
N VAL A 50 -13.28 20.37 23.17
CA VAL A 50 -13.94 19.48 22.22
C VAL A 50 -15.36 19.94 21.93
N LYS A 51 -16.10 20.29 22.98
CA LYS A 51 -17.47 20.74 22.80
C LYS A 51 -17.53 22.05 22.02
N GLN A 52 -16.62 22.98 22.31
CA GLN A 52 -16.61 24.26 21.59
C GLN A 52 -16.28 24.08 20.12
N MET A 53 -15.34 23.21 19.80
CA MET A 53 -14.94 22.95 18.41
C MET A 53 -15.85 21.87 17.84
N LYS A 54 -17.05 22.26 17.42
CA LYS A 54 -18.04 21.34 16.85
C LYS A 54 -18.32 20.16 17.77
N THR A 182 -15.15 2.11 24.24
CA THR A 182 -14.00 2.11 23.35
C THR A 182 -12.78 2.70 24.05
N GLY A 183 -11.71 2.88 23.30
CA GLY A 183 -10.48 3.43 23.84
C GLY A 183 -10.02 4.69 23.13
N ILE A 184 -10.47 4.88 21.90
CA ILE A 184 -10.11 6.03 21.10
C ILE A 184 -11.38 6.64 20.53
N VAL A 185 -11.45 7.97 20.56
CA VAL A 185 -12.61 8.72 20.07
C VAL A 185 -12.11 9.69 19.01
N GLU A 186 -12.77 9.71 17.86
CA GLU A 186 -12.37 10.55 16.73
C GLU A 186 -13.41 11.63 16.47
N THR A 187 -12.93 12.84 16.25
CA THR A 187 -13.78 13.99 15.95
C THR A 187 -13.35 14.62 14.64
N HIS A 188 -14.32 15.00 13.81
CA HIS A 188 -14.05 15.61 12.52
C HIS A 188 -14.93 16.83 12.32
N PHE A 189 -14.36 17.84 11.66
CA PHE A 189 -15.11 19.03 11.29
C PHE A 189 -14.36 19.76 10.18
N THR A 190 -15.04 20.70 9.54
CA THR A 190 -14.49 21.48 8.43
C THR A 190 -14.60 22.96 8.75
N PHE A 191 -13.64 23.75 8.28
CA PHE A 191 -13.55 25.17 8.59
C PHE A 191 -12.72 25.87 7.53
N LYS A 192 -13.33 26.79 6.79
CA LYS A 192 -12.68 27.59 5.77
C LYS A 192 -12.04 26.70 4.69
N ASP A 193 -12.86 25.81 4.15
CA ASP A 193 -12.46 24.87 3.09
C ASP A 193 -11.31 23.97 3.50
N LEU A 194 -11.18 23.66 4.79
CA LEU A 194 -10.14 22.80 5.31
C LEU A 194 -10.76 21.75 6.21
N TYR A 195 -10.39 20.49 6.01
CA TYR A 195 -10.97 19.36 6.71
C TYR A 195 -10.06 18.94 7.85
N PHE A 196 -10.63 18.78 9.05
CA PHE A 196 -9.89 18.49 10.26
C PHE A 196 -10.36 17.17 10.85
N LYS A 197 -9.44 16.40 11.41
CA LYS A 197 -9.76 15.23 12.22
C LYS A 197 -8.86 15.22 13.44
N MET A 198 -9.45 15.02 14.61
CA MET A 198 -8.76 15.11 15.89
C MET A 198 -9.03 13.87 16.72
N PHE A 199 -8.02 13.43 17.47
CA PHE A 199 -8.06 12.16 18.20
C PHE A 199 -7.64 12.39 19.65
N ASP A 200 -8.38 11.83 20.59
CA ASP A 200 -8.03 11.88 22.00
C ASP A 200 -7.94 10.46 22.56
N VAL A 201 -6.88 10.18 23.31
CA VAL A 201 -6.59 8.86 23.83
C VAL A 201 -6.52 8.90 25.36
N GLY A 202 -7.31 9.78 25.97
CA GLY A 202 -7.22 9.97 27.41
C GLY A 202 -7.62 8.75 28.21
N ALA A 203 -8.59 7.99 27.70
CA ALA A 203 -9.13 6.85 28.43
C ALA A 203 -8.38 5.55 28.20
N GLN A 204 -7.19 5.59 27.58
CA GLN A 204 -6.43 4.37 27.33
C GLN A 204 -5.96 3.74 28.63
N ARG A 205 -5.31 4.53 29.49
CA ARG A 205 -4.87 4.09 30.81
C ARG A 205 -3.95 2.86 30.74
N SER A 206 -3.08 2.84 29.73
CA SER A 206 -2.11 1.77 29.55
C SER A 206 -0.74 2.38 29.27
N GLU A 207 0.23 1.53 28.93
CA GLU A 207 1.60 1.98 28.70
C GLU A 207 1.65 2.81 27.41
N ARG A 208 2.00 4.09 27.54
CA ARG A 208 1.99 4.98 26.40
C ARG A 208 3.15 4.71 25.44
N LYS A 209 4.23 4.11 25.93
CA LYS A 209 5.40 3.88 25.09
C LYS A 209 5.11 2.88 23.98
N LYS A 210 4.13 2.00 24.19
CA LYS A 210 3.86 0.95 23.21
C LYS A 210 3.12 1.50 22.00
N TRP A 211 2.19 2.43 22.21
CA TRP A 211 1.33 2.92 21.13
C TRP A 211 1.52 4.38 20.80
N ILE A 212 2.53 5.05 21.38
CA ILE A 212 2.73 6.47 21.07
C ILE A 212 3.23 6.65 19.65
N HIS A 213 3.99 5.68 19.12
CA HIS A 213 4.56 5.83 17.79
C HIS A 213 3.52 5.69 16.68
N CYS A 214 2.29 5.30 17.02
CA CYS A 214 1.26 5.17 16.00
C CYS A 214 0.85 6.53 15.44
N PHE A 215 0.90 7.58 16.25
CA PHE A 215 0.44 8.90 15.85
C PHE A 215 1.55 9.76 15.27
N GLU A 216 2.69 9.18 14.93
CA GLU A 216 3.70 9.89 14.17
C GLU A 216 3.14 10.29 12.81
N GLY A 217 3.43 11.53 12.39
CA GLY A 217 2.94 12.04 11.14
C GLY A 217 1.79 13.02 11.24
N VAL A 218 1.40 13.41 12.45
CA VAL A 218 0.33 14.40 12.61
C VAL A 218 0.88 15.80 12.33
N THR A 219 -0.02 16.71 11.98
CA THR A 219 0.39 18.08 11.68
C THR A 219 0.86 18.81 12.93
N ALA A 220 0.09 18.69 14.02
CA ALA A 220 0.45 19.37 15.26
C ALA A 220 -0.21 18.65 16.44
N ILE A 221 0.27 18.95 17.63
CA ILE A 221 -0.23 18.37 18.87
C ILE A 221 -0.84 19.49 19.71
N ILE A 222 -2.05 19.26 20.20
CA ILE A 222 -2.72 20.22 21.07
C ILE A 222 -2.57 19.75 22.51
N PHE A 223 -1.89 20.55 23.32
CA PHE A 223 -1.60 20.20 24.72
C PHE A 223 -2.25 21.22 25.63
N CYS A 224 -3.07 20.74 26.56
CA CYS A 224 -3.91 21.59 27.39
C CYS A 224 -3.42 21.58 28.84
N VAL A 225 -3.40 22.75 29.46
CA VAL A 225 -3.04 22.93 30.86
C VAL A 225 -4.05 23.88 31.50
N ALA A 226 -4.49 23.55 32.71
CA ALA A 226 -5.45 24.37 33.44
C ALA A 226 -4.70 25.25 34.44
N LEU A 227 -4.90 26.57 34.33
CA LEU A 227 -4.25 27.50 35.25
C LEU A 227 -4.81 27.38 36.66
N SER A 228 -6.11 27.13 36.80
CA SER A 228 -6.73 27.08 38.13
C SER A 228 -6.21 25.91 38.96
N ASP A 229 -5.62 24.89 38.33
CA ASP A 229 -5.08 23.74 39.05
C ASP A 229 -3.65 24.02 39.48
N TYR A 230 -3.50 24.99 40.38
CA TYR A 230 -2.21 25.37 40.93
C TYR A 230 -2.12 25.25 42.44
N ASP A 231 -3.18 25.57 43.17
CA ASP A 231 -3.17 25.43 44.62
C ASP A 231 -3.16 23.96 45.03
N LEU A 232 -3.99 23.15 44.37
CA LEU A 232 -4.08 21.73 44.68
C LEU A 232 -2.89 20.96 44.13
N MET A 240 2.08 15.42 44.18
CA MET A 240 1.81 16.68 44.88
C MET A 240 0.80 17.52 44.11
N ASN A 241 1.17 18.76 43.81
CA ASN A 241 0.29 19.64 43.04
C ASN A 241 0.20 19.19 41.60
N ARG A 242 -0.91 19.55 40.94
CA ARG A 242 -1.13 19.11 39.57
C ARG A 242 -0.22 19.84 38.59
N MET A 243 0.25 21.04 38.94
CA MET A 243 1.07 21.82 38.03
C MET A 243 2.38 21.11 37.71
N HIS A 244 3.02 20.52 38.73
CA HIS A 244 4.26 19.81 38.50
C HIS A 244 4.05 18.57 37.63
N ALA A 245 2.92 17.88 37.83
CA ALA A 245 2.60 16.74 36.98
C ALA A 245 2.41 17.17 35.53
N SER A 246 1.71 18.28 35.31
CA SER A 246 1.52 18.80 33.95
C SER A 246 2.86 19.19 33.33
N MET A 247 3.72 19.83 34.11
CA MET A 247 5.05 20.19 33.59
C MET A 247 5.87 18.96 33.22
N LYS A 248 5.82 17.93 34.06
CA LYS A 248 6.53 16.69 33.76
C LYS A 248 6.00 16.05 32.48
N LEU A 249 4.67 16.02 32.33
CA LEU A 249 4.08 15.46 31.11
C LEU A 249 4.48 16.27 29.88
N PHE A 250 4.49 17.60 30.00
CA PHE A 250 4.88 18.45 28.88
C PHE A 250 6.33 18.21 28.49
N ASP A 251 7.21 18.10 29.49
CA ASP A 251 8.61 17.82 29.20
C ASP A 251 8.78 16.46 28.54
N SER A 252 8.02 15.46 29.01
CA SER A 252 8.11 14.13 28.41
C SER A 252 7.66 14.13 26.96
N ILE A 253 6.56 14.84 26.66
CA ILE A 253 6.05 14.85 25.29
C ILE A 253 6.97 15.64 24.38
N CYS A 254 7.46 16.80 24.86
CA CYS A 254 8.20 17.70 23.99
C CYS A 254 9.50 17.10 23.48
N ASN A 255 10.24 16.42 24.34
CA ASN A 255 11.56 15.89 24.00
C ASN A 255 11.51 14.46 23.49
N ASN A 256 10.32 13.98 23.11
CA ASN A 256 10.20 12.63 22.58
C ASN A 256 10.93 12.49 21.25
N LYS A 257 11.42 11.28 20.97
CA LYS A 257 12.16 11.04 19.74
C LYS A 257 11.25 11.11 18.52
N TRP A 258 9.98 10.73 18.68
CA TRP A 258 9.07 10.74 17.54
C TRP A 258 8.70 12.16 17.14
N PHE A 259 8.54 13.05 18.11
CA PHE A 259 8.15 14.43 17.84
C PHE A 259 9.37 15.36 17.91
N THR A 260 10.18 15.30 16.85
CA THR A 260 11.34 16.17 16.75
C THR A 260 11.06 17.44 15.97
N GLU A 261 10.28 17.35 14.89
CA GLU A 261 9.91 18.51 14.08
C GLU A 261 8.41 18.76 14.09
N THR A 262 7.71 18.28 15.11
CA THR A 262 6.27 18.43 15.22
C THR A 262 5.96 19.64 16.09
N SER A 263 5.29 20.63 15.51
CA SER A 263 4.94 21.84 16.26
C SER A 263 3.88 21.52 17.30
N ILE A 264 4.01 22.13 18.47
CA ILE A 264 3.14 21.87 19.61
C ILE A 264 2.41 23.15 19.96
N ILE A 265 1.11 23.05 20.20
CA ILE A 265 0.29 24.19 20.59
C ILE A 265 -0.03 24.06 22.08
N LEU A 266 0.28 25.11 22.84
CA LEU A 266 0.10 25.10 24.29
C LEU A 266 -1.05 26.02 24.67
N PHE A 267 -2.02 25.48 25.40
CA PHE A 267 -3.21 26.20 25.82
C PHE A 267 -3.18 26.42 27.33
N LEU A 268 -3.69 27.57 27.76
CA LEU A 268 -3.93 27.85 29.17
C LEU A 268 -5.41 28.21 29.34
N ASN A 269 -6.09 27.51 30.23
CA ASN A 269 -7.52 27.69 30.45
C ASN A 269 -7.78 28.10 31.89
N LYS A 270 -9.07 28.32 32.19
CA LYS A 270 -9.53 28.71 33.53
C LYS A 270 -8.86 30.01 33.99
N LYS A 271 -8.90 31.03 33.12
CA LYS A 271 -8.27 32.30 33.43
C LYS A 271 -9.06 33.08 34.47
N ASP A 272 -10.40 33.08 34.34
CA ASP A 272 -11.25 33.85 35.24
C ASP A 272 -11.16 33.34 36.68
N LEU A 273 -11.30 32.02 36.85
CA LEU A 273 -11.17 31.44 38.18
C LEU A 273 -9.79 31.65 38.76
N PHE A 274 -8.75 31.56 37.93
CA PHE A 274 -7.40 31.83 38.40
C PHE A 274 -7.25 33.26 38.87
N GLU A 275 -7.79 34.21 38.12
CA GLU A 275 -7.72 35.61 38.54
C GLU A 275 -8.47 35.85 39.84
N GLU A 276 -9.63 35.22 39.99
CA GLU A 276 -10.39 35.35 41.23
C GLU A 276 -9.63 34.77 42.41
N LYS A 277 -9.01 33.60 42.22
CA LYS A 277 -8.36 32.92 43.33
C LYS A 277 -7.00 33.55 43.65
N ILE A 278 -6.41 34.26 42.70
CA ILE A 278 -5.08 34.84 42.92
C ILE A 278 -5.11 35.86 44.05
N LYS A 279 -6.18 36.65 44.14
CA LYS A 279 -6.29 37.64 45.20
C LYS A 279 -6.33 36.96 46.58
N ARG A 280 -7.08 35.86 46.68
CA ARG A 280 -7.21 35.18 47.96
C ARG A 280 -5.92 34.46 48.35
N SER A 281 -5.33 33.72 47.41
CA SER A 281 -4.16 32.91 47.70
C SER A 281 -3.01 33.29 46.77
N PRO A 282 -1.81 33.51 47.29
CA PRO A 282 -0.68 33.87 46.43
C PRO A 282 -0.19 32.69 45.62
N LEU A 283 0.51 33.02 44.53
CA LEU A 283 1.09 32.01 43.66
C LEU A 283 2.44 31.50 44.17
N THR A 284 2.95 32.07 45.27
CA THR A 284 4.26 31.67 45.78
C THR A 284 4.25 30.24 46.29
N ILE A 285 3.08 29.65 46.53
CA ILE A 285 3.01 28.30 47.06
C ILE A 285 3.67 27.30 46.10
N CYS A 286 3.32 27.40 44.81
CA CYS A 286 3.91 26.50 43.83
C CYS A 286 5.35 26.88 43.51
N TYR A 287 5.62 28.17 43.35
CA TYR A 287 6.95 28.66 43.03
C TYR A 287 7.48 29.53 44.17
N PRO A 288 8.31 28.99 45.06
CA PRO A 288 8.86 29.83 46.13
C PRO A 288 9.84 30.88 45.64
N GLU A 289 10.50 30.64 44.50
CA GLU A 289 11.46 31.62 43.99
C GLU A 289 10.78 32.82 43.35
N TYR A 290 9.49 32.69 43.03
CA TYR A 290 8.77 33.78 42.39
C TYR A 290 8.63 34.97 43.33
N THR A 291 9.08 36.14 42.86
CA THR A 291 9.02 37.37 43.65
C THR A 291 8.25 38.49 42.97
N GLY A 292 7.58 38.22 41.85
CA GLY A 292 6.87 39.25 41.14
C GLY A 292 5.64 39.74 41.89
N SER A 293 5.08 40.84 41.39
CA SER A 293 3.90 41.44 42.00
C SER A 293 2.69 40.51 41.83
N ASN A 294 1.78 40.58 42.81
CA ASN A 294 0.57 39.76 42.79
C ASN A 294 -0.44 40.31 41.78
N THR A 295 -0.08 40.18 40.51
CA THR A 295 -0.92 40.62 39.41
C THR A 295 -1.09 39.48 38.42
N TYR A 296 -2.19 39.53 37.67
CA TYR A 296 -2.48 38.48 36.71
C TYR A 296 -1.43 38.41 35.61
N GLU A 297 -1.04 39.57 35.07
CA GLU A 297 -0.15 39.61 33.92
C GLU A 297 1.22 39.01 34.24
N GLU A 298 1.82 39.45 35.34
CA GLU A 298 3.16 38.96 35.71
C GLU A 298 3.13 37.47 36.01
N ALA A 299 2.14 36.99 36.75
CA ALA A 299 2.05 35.57 37.08
C ALA A 299 1.86 34.73 35.82
N ALA A 300 0.97 35.15 34.93
CA ALA A 300 0.75 34.40 33.69
C ALA A 300 2.01 34.37 32.83
N ALA A 301 2.69 35.52 32.71
CA ALA A 301 3.92 35.55 31.92
C ALA A 301 4.99 34.66 32.53
N TYR A 302 5.11 34.66 33.85
CA TYR A 302 6.09 33.81 34.51
C TYR A 302 5.79 32.33 34.28
N ILE A 303 4.52 31.94 34.40
CA ILE A 303 4.16 30.54 34.18
C ILE A 303 4.43 30.13 32.74
N GLN A 304 4.07 30.99 31.78
CA GLN A 304 4.33 30.68 30.38
C GLN A 304 5.82 30.55 30.11
N CYS A 305 6.61 31.48 30.65
CA CYS A 305 8.05 31.41 30.47
C CYS A 305 8.63 30.13 31.05
N GLN A 306 8.13 29.70 32.20
CA GLN A 306 8.58 28.43 32.76
C GLN A 306 8.20 27.27 31.85
N PHE A 307 7.03 27.35 31.19
CA PHE A 307 6.64 26.28 30.27
C PHE A 307 7.58 26.19 29.07
N GLU A 308 7.82 27.30 28.36
CA GLU A 308 8.75 27.19 27.23
C GLU A 308 10.21 27.13 27.65
N ASP A 309 10.52 27.24 28.94
CA ASP A 309 11.89 27.00 29.38
C ASP A 309 12.30 25.54 29.20
N LEU A 310 11.32 24.63 29.09
CA LEU A 310 11.63 23.20 29.06
C LEU A 310 12.00 22.72 27.66
N ASN A 311 11.76 23.53 26.63
CA ASN A 311 12.06 23.13 25.27
C ASN A 311 13.56 23.02 25.06
N ARG A 312 13.99 22.00 24.31
CA ARG A 312 15.39 21.86 23.92
C ARG A 312 15.54 21.53 22.44
N ARG A 313 14.54 21.85 21.62
CA ARG A 313 14.58 21.64 20.18
C ARG A 313 14.09 22.90 19.46
N LYS A 314 14.65 24.04 19.86
CA LYS A 314 14.20 25.33 19.34
C LYS A 314 14.44 25.46 17.84
N ASP A 315 15.35 24.66 17.28
CA ASP A 315 15.69 24.80 15.87
C ASP A 315 14.57 24.26 14.97
N THR A 316 14.01 23.10 15.32
CA THR A 316 13.12 22.40 14.40
C THR A 316 11.65 22.75 14.61
N LYS A 317 11.22 23.00 15.85
CA LYS A 317 9.81 23.18 16.15
C LYS A 317 9.58 24.52 16.82
N GLU A 318 8.34 24.98 16.74
CA GLU A 318 7.90 26.21 17.40
C GLU A 318 6.73 25.89 18.32
N ILE A 319 6.72 26.51 19.49
CA ILE A 319 5.67 26.31 20.49
C ILE A 319 4.76 27.53 20.47
N TYR A 320 3.46 27.28 20.37
CA TYR A 320 2.47 28.34 20.29
C TYR A 320 1.66 28.38 21.58
N THR A 321 1.52 29.57 22.16
CA THR A 321 0.84 29.75 23.44
C THR A 321 -0.38 30.62 23.26
N HIS A 322 -1.51 30.22 23.85
CA HIS A 322 -2.77 30.91 23.71
C HIS A 322 -3.54 30.85 25.02
N PHE A 323 -4.43 31.82 25.22
CA PHE A 323 -5.30 31.86 26.40
C PHE A 323 -6.73 31.56 25.94
N THR A 324 -7.34 30.55 26.54
CA THR A 324 -8.66 30.09 26.11
C THR A 324 -9.72 31.15 26.36
N CYS A 325 -10.60 31.35 25.39
CA CYS A 325 -11.74 32.26 25.49
C CYS A 325 -13.01 31.42 25.43
N SER A 326 -13.92 31.65 26.39
CA SER A 326 -15.11 30.81 26.50
C SER A 326 -16.08 31.07 25.35
N THR A 327 -16.59 32.29 25.24
CA THR A 327 -17.58 32.64 24.24
C THR A 327 -16.87 33.37 23.09
N ASP A 328 -16.07 32.61 22.35
CA ASP A 328 -15.33 33.15 21.21
C ASP A 328 -14.93 32.01 20.30
N THR A 329 -14.62 32.36 19.06
CA THR A 329 -14.10 31.41 18.08
C THR A 329 -12.64 31.67 17.75
N LYS A 330 -11.91 32.32 18.66
CA LYS A 330 -10.50 32.63 18.39
C LYS A 330 -9.63 31.38 18.43
N ASN A 331 -10.06 30.34 19.14
CA ASN A 331 -9.26 29.13 19.24
C ASN A 331 -9.12 28.44 17.88
N VAL A 332 -10.23 28.35 17.14
CA VAL A 332 -10.21 27.72 15.82
C VAL A 332 -9.33 28.53 14.87
N GLN A 333 -9.46 29.86 14.91
CA GLN A 333 -8.61 30.72 14.09
C GLN A 333 -7.15 30.55 14.43
N PHE A 334 -6.83 30.43 15.73
CA PHE A 334 -5.46 30.25 16.16
C PHE A 334 -4.89 28.94 15.61
N VAL A 335 -5.65 27.86 15.71
CA VAL A 335 -5.20 26.57 15.20
C VAL A 335 -5.00 26.62 13.69
N PHE A 336 -5.96 27.24 12.98
CA PHE A 336 -5.87 27.33 11.53
C PHE A 336 -4.64 28.14 11.10
N ASP A 337 -4.41 29.27 11.75
CA ASP A 337 -3.25 30.11 11.44
C ASP A 337 -1.96 29.36 11.71
N ALA A 338 -1.92 28.59 12.81
CA ALA A 338 -0.73 27.81 13.12
C ALA A 338 -0.47 26.75 12.06
N VAL A 339 -1.51 26.04 11.61
CA VAL A 339 -1.28 24.91 10.71
C VAL A 339 -1.02 25.38 9.28
N THR A 340 -1.43 26.60 8.94
CA THR A 340 -1.14 27.12 7.61
C THR A 340 0.37 27.21 7.36
N ASP A 341 1.13 27.67 8.37
CA ASP A 341 2.58 27.76 8.22
C ASP A 341 3.22 26.39 8.05
N VAL A 342 2.72 25.38 8.78
CA VAL A 342 3.24 24.02 8.62
C VAL A 342 2.96 23.51 7.22
N ILE A 343 1.77 23.80 6.69
CA ILE A 343 1.46 23.41 5.31
C ILE A 343 2.39 24.10 4.33
N ILE A 344 2.68 25.38 4.56
CA ILE A 344 3.61 26.11 3.69
C ILE A 344 4.99 25.47 3.72
N LYS A 345 5.47 25.11 4.91
CA LYS A 345 6.79 24.48 5.03
C LYS A 345 6.81 23.13 4.31
N ASN A 346 5.74 22.35 4.44
CA ASN A 346 5.68 21.06 3.76
C ASN A 346 5.70 21.25 2.24
N ASN A 347 4.95 22.22 1.73
CA ASN A 347 4.99 22.51 0.30
C ASN A 347 6.37 22.96 -0.15
N LEU A 348 7.04 23.79 0.65
CA LEU A 348 8.39 24.25 0.31
C LEU A 348 9.37 23.08 0.26
N LYS A 349 9.25 22.15 1.20
CA LYS A 349 10.09 20.94 1.14
C LYS A 349 9.77 20.11 -0.10
N GLU A 350 8.48 19.93 -0.40
CA GLU A 350 8.09 19.07 -1.52
C GLU A 350 8.55 19.64 -2.86
N CYS A 351 8.48 20.96 -3.03
CA CYS A 351 8.89 21.57 -4.28
C CYS A 351 10.39 21.44 -4.52
N GLY A 352 11.17 21.30 -3.44
CA GLY A 352 12.61 21.16 -3.53
C GLY A 352 13.39 22.42 -3.25
N LEU A 353 12.72 23.54 -2.99
CA LEU A 353 13.43 24.79 -2.72
C LEU A 353 14.06 24.81 -1.33
N TYR A 354 13.66 23.92 -0.45
CA TYR A 354 14.19 23.89 0.91
C TYR A 354 14.92 22.59 1.18
N GLU B 7 0.07 -10.57 59.55
CA GLU B 7 -0.06 -11.80 58.78
C GLU B 7 0.61 -11.65 57.41
N LEU B 8 0.80 -10.41 56.98
CA LEU B 8 1.45 -10.16 55.69
C LEU B 8 2.89 -10.63 55.70
N ASP B 9 3.61 -10.42 56.80
CA ASP B 9 5.01 -10.82 56.86
C ASP B 9 5.16 -12.33 56.74
N GLN B 10 4.29 -13.09 57.40
CA GLN B 10 4.35 -14.55 57.28
C GLN B 10 4.08 -15.01 55.86
N LEU B 11 3.10 -14.40 55.19
CA LEU B 11 2.81 -14.77 53.81
C LEU B 11 3.98 -14.43 52.89
N ARG B 12 4.60 -13.27 53.10
CA ARG B 12 5.76 -12.91 52.29
C ARG B 12 6.92 -13.87 52.51
N GLN B 13 7.15 -14.26 53.77
CA GLN B 13 8.21 -15.22 54.06
C GLN B 13 7.92 -16.57 53.41
N GLU B 14 6.66 -17.01 53.44
CA GLU B 14 6.29 -18.26 52.79
C GLU B 14 6.50 -18.18 51.29
N ALA B 15 6.15 -17.04 50.68
CA ALA B 15 6.37 -16.86 49.24
C ALA B 15 7.84 -16.91 48.90
N GLU B 16 8.68 -16.26 49.72
CA GLU B 16 10.12 -16.29 49.48
C GLU B 16 10.68 -17.70 49.63
N GLN B 17 10.20 -18.45 50.63
CA GLN B 17 10.64 -19.83 50.80
C GLN B 17 10.24 -20.68 49.61
N LEU B 18 9.02 -20.49 49.10
CA LEU B 18 8.58 -21.24 47.93
C LEU B 18 9.41 -20.90 46.71
N LYS B 19 9.74 -19.62 46.53
CA LYS B 19 10.58 -19.22 45.40
C LYS B 19 11.97 -19.83 45.51
N ASN B 20 12.54 -19.86 46.72
CA ASN B 20 13.83 -20.50 46.91
C ASN B 20 13.75 -22.00 46.62
N GLN B 21 12.67 -22.66 47.02
CA GLN B 21 12.50 -24.07 46.73
C GLN B 21 12.43 -24.31 45.23
N ILE B 22 11.69 -23.46 44.51
CA ILE B 22 11.58 -23.58 43.06
C ILE B 22 12.95 -23.40 42.41
N ARG B 23 13.71 -22.40 42.87
CA ARG B 23 15.03 -22.16 42.30
C ARG B 23 15.96 -23.34 42.56
N ASP B 24 15.91 -23.91 43.76
CA ASP B 24 16.74 -25.07 44.08
C ASP B 24 16.37 -26.26 43.21
N ALA B 25 15.07 -26.50 43.02
CA ALA B 25 14.65 -27.62 42.17
C ALA B 25 15.11 -27.42 40.73
N ARG B 26 14.97 -26.20 40.21
CA ARG B 26 15.42 -25.93 38.84
C ARG B 26 16.93 -26.11 38.72
N LYS B 27 17.70 -25.66 39.72
CA LYS B 27 19.14 -25.85 39.69
C LYS B 27 19.50 -27.33 39.74
N ALA B 28 18.77 -28.11 40.52
CA ALA B 28 19.05 -29.55 40.62
C ALA B 28 18.74 -30.25 39.29
N CYS B 29 17.67 -29.82 38.61
CA CYS B 29 17.31 -30.45 37.34
C CYS B 29 18.41 -30.25 36.29
N ALA B 30 19.00 -29.06 36.23
CA ALA B 30 20.02 -28.77 35.22
C ALA B 30 21.27 -29.60 35.49
N ASP B 31 21.70 -30.34 34.47
CA ASP B 31 22.93 -31.13 34.56
C ASP B 31 23.88 -30.88 33.41
N ALA B 32 23.36 -30.60 32.21
CA ALA B 32 24.18 -30.33 31.05
C ALA B 32 23.66 -29.12 30.31
N THR B 33 24.55 -28.45 29.58
CA THR B 33 24.17 -27.31 28.78
C THR B 33 23.79 -27.76 27.37
N LEU B 34 22.90 -26.98 26.74
CA LEU B 34 22.46 -27.31 25.39
C LEU B 34 23.62 -27.26 24.40
N SER B 35 24.51 -26.27 24.56
CA SER B 35 25.59 -26.10 23.60
C SER B 35 26.52 -27.30 23.56
N GLN B 36 26.83 -27.88 24.73
CA GLN B 36 27.70 -29.04 24.77
C GLN B 36 27.05 -30.24 24.08
N ILE B 37 25.74 -30.41 24.24
CA ILE B 37 25.05 -31.53 23.59
C ILE B 37 25.11 -31.40 22.09
N THR B 38 24.81 -30.20 21.57
CA THR B 38 24.87 -29.95 20.13
C THR B 38 26.23 -29.34 19.76
N ASN B 39 27.28 -30.09 20.11
CA ASN B 39 28.64 -29.72 19.80
C ASN B 39 29.22 -30.75 18.84
N ASN B 40 30.29 -30.36 18.15
CA ASN B 40 30.91 -31.19 17.10
C ASN B 40 29.89 -31.55 16.02
N ILE B 41 29.06 -30.59 15.64
CA ILE B 41 28.04 -30.76 14.62
C ILE B 41 28.38 -29.83 13.45
N ASP B 42 28.21 -30.34 12.24
CA ASP B 42 28.52 -29.55 11.06
C ASP B 42 27.58 -28.35 10.95
N PRO B 43 28.09 -27.17 10.62
CA PRO B 43 27.22 -26.01 10.44
C PRO B 43 26.31 -26.17 9.23
N VAL B 44 25.18 -25.48 9.28
CA VAL B 44 24.24 -25.53 8.17
C VAL B 44 24.81 -24.82 6.94
N GLY B 45 25.68 -23.83 7.15
CA GLY B 45 26.21 -23.05 6.05
C GLY B 45 25.49 -21.74 5.85
N ARG B 46 25.92 -21.01 4.83
CA ARG B 46 25.31 -19.71 4.52
C ARG B 46 23.99 -19.91 3.79
N ILE B 47 23.00 -19.09 4.12
CA ILE B 47 21.69 -19.09 3.49
C ILE B 47 21.51 -17.78 2.74
N GLN B 48 21.28 -17.87 1.44
CA GLN B 48 20.99 -16.72 0.59
C GLN B 48 19.64 -16.90 -0.06
N MET B 49 18.76 -15.93 0.12
CA MET B 49 17.44 -15.93 -0.51
C MET B 49 17.23 -14.60 -1.22
N ARG B 50 16.34 -14.61 -2.21
CA ARG B 50 16.08 -13.45 -3.05
C ARG B 50 14.59 -13.22 -3.17
N THR B 51 14.21 -11.98 -3.45
CA THR B 51 12.81 -11.62 -3.56
C THR B 51 12.21 -12.21 -4.83
N ARG B 52 11.08 -12.89 -4.69
CA ARG B 52 10.36 -13.49 -5.81
C ARG B 52 9.12 -12.71 -6.21
N ARG B 53 8.44 -12.09 -5.25
CA ARG B 53 7.28 -11.26 -5.52
C ARG B 53 7.39 -10.00 -4.68
N THR B 54 6.75 -8.92 -5.17
CA THR B 54 6.59 -7.69 -4.41
C THR B 54 5.14 -7.25 -4.54
N LEU B 55 4.48 -7.08 -3.40
CA LEU B 55 3.06 -6.75 -3.36
C LEU B 55 2.89 -5.27 -3.09
N ARG B 56 2.20 -4.58 -3.99
CA ARG B 56 2.05 -3.13 -3.94
C ARG B 56 0.57 -2.78 -3.87
N GLY B 57 0.26 -1.67 -3.19
CA GLY B 57 -1.11 -1.25 -3.04
C GLY B 57 -1.45 -0.62 -1.71
N HIS B 58 -0.71 -0.96 -0.65
CA HIS B 58 -0.88 -0.25 0.61
C HIS B 58 -0.18 1.11 0.56
N LEU B 59 -0.78 2.09 1.24
CA LEU B 59 -0.29 3.46 1.21
C LEU B 59 0.10 3.98 2.60
N ALA B 60 0.39 3.07 3.53
CA ALA B 60 0.77 3.44 4.89
C ALA B 60 1.51 2.25 5.50
N LYS B 61 1.89 2.37 6.77
CA LYS B 61 2.68 1.33 7.42
C LYS B 61 1.86 0.06 7.62
N ILE B 62 2.51 -1.08 7.42
CA ILE B 62 1.89 -2.40 7.57
C ILE B 62 2.25 -2.93 8.95
N TYR B 63 1.27 -3.53 9.63
CA TYR B 63 1.44 -3.98 11.01
C TYR B 63 1.29 -5.48 11.22
N ALA B 64 0.57 -6.19 10.36
CA ALA B 64 0.35 -7.61 10.57
C ALA B 64 0.00 -8.32 9.26
N MET B 65 0.20 -9.64 9.26
CA MET B 65 -0.19 -10.50 8.15
C MET B 65 -0.37 -11.92 8.67
N HIS B 66 -1.05 -12.75 7.86
CA HIS B 66 -1.28 -14.14 8.23
C HIS B 66 -1.49 -14.99 6.98
N TRP B 67 -0.81 -16.14 6.91
CA TRP B 67 -0.93 -17.05 5.77
C TRP B 67 -2.22 -17.85 5.85
N GLY B 68 -2.71 -18.27 4.68
CA GLY B 68 -3.82 -19.21 4.64
C GLY B 68 -3.37 -20.64 4.79
N THR B 69 -4.33 -21.54 5.00
CA THR B 69 -4.01 -22.94 5.27
C THR B 69 -3.65 -23.71 4.01
N ASP B 70 -3.93 -23.18 2.82
CA ASP B 70 -3.55 -23.83 1.58
C ASP B 70 -2.23 -23.33 1.02
N SER B 71 -1.56 -22.40 1.72
CA SER B 71 -0.25 -21.87 1.36
C SER B 71 -0.27 -21.10 0.04
N ARG B 72 -1.40 -20.52 -0.34
CA ARG B 72 -1.48 -19.75 -1.57
C ARG B 72 -2.12 -18.38 -1.34
N LEU B 73 -3.02 -18.29 -0.38
CA LEU B 73 -3.73 -17.05 -0.08
C LEU B 73 -3.25 -16.50 1.27
N LEU B 74 -3.27 -15.17 1.39
CA LEU B 74 -2.83 -14.50 2.60
C LEU B 74 -3.57 -13.19 2.76
N VAL B 75 -3.60 -12.69 4.00
CA VAL B 75 -4.27 -11.44 4.35
C VAL B 75 -3.27 -10.55 5.09
N SER B 76 -3.42 -9.23 4.91
CA SER B 76 -2.56 -8.25 5.56
C SER B 76 -3.37 -7.03 5.96
N ALA B 77 -2.86 -6.29 6.93
CA ALA B 77 -3.52 -5.11 7.48
C ALA B 77 -2.56 -3.93 7.50
N SER B 78 -3.09 -2.73 7.29
CA SER B 78 -2.27 -1.52 7.19
C SER B 78 -2.90 -0.39 8.00
N GLN B 79 -2.12 0.70 8.13
CA GLN B 79 -2.54 1.83 8.96
C GLN B 79 -3.81 2.49 8.40
N ASP B 80 -3.90 2.62 7.09
CA ASP B 80 -5.16 3.02 6.49
C ASP B 80 -6.17 1.89 6.62
N GLY B 81 -7.46 2.24 6.66
CA GLY B 81 -8.47 1.25 6.95
C GLY B 81 -8.74 0.27 5.83
N LYS B 82 -7.75 -0.56 5.51
CA LYS B 82 -7.88 -1.51 4.42
C LYS B 82 -7.38 -2.89 4.85
N LEU B 83 -8.12 -3.92 4.43
CA LEU B 83 -7.75 -5.31 4.62
C LEU B 83 -7.77 -5.99 3.26
N ILE B 84 -6.65 -6.58 2.86
CA ILE B 84 -6.47 -7.08 1.50
C ILE B 84 -6.11 -8.56 1.53
N ILE B 85 -6.80 -9.34 0.69
CA ILE B 85 -6.48 -10.74 0.45
C ILE B 85 -5.74 -10.85 -0.88
N TRP B 86 -4.58 -11.49 -0.85
CA TRP B 86 -3.70 -11.55 -2.01
C TRP B 86 -3.69 -12.96 -2.58
N ASP B 87 -3.69 -13.06 -3.90
CA ASP B 87 -3.24 -14.29 -4.54
C ASP B 87 -1.74 -14.22 -4.74
N SER B 88 -1.01 -15.21 -4.22
CA SER B 88 0.43 -15.12 -4.14
C SER B 88 1.16 -15.69 -5.35
N TYR B 89 0.58 -16.68 -6.05
CA TYR B 89 1.20 -17.19 -7.26
C TYR B 89 1.21 -16.12 -8.36
N THR B 90 0.05 -15.54 -8.62
CA THR B 90 -0.09 -14.38 -9.49
C THR B 90 -0.62 -13.22 -8.65
N THR B 91 0.12 -12.12 -8.63
CA THR B 91 -0.11 -11.05 -7.66
C THR B 91 -1.44 -10.33 -7.95
N ASN B 92 -2.52 -11.07 -7.80
CA ASN B 92 -3.87 -10.58 -8.00
C ASN B 92 -4.53 -10.29 -6.65
N LYS B 93 -5.43 -9.32 -6.66
CA LYS B 93 -6.18 -8.94 -5.46
C LYS B 93 -7.55 -9.61 -5.52
N VAL B 94 -7.73 -10.64 -4.68
CA VAL B 94 -8.99 -11.36 -4.66
C VAL B 94 -10.09 -10.51 -4.02
N HIS B 95 -9.79 -9.87 -2.90
CA HIS B 95 -10.75 -9.04 -2.18
C HIS B 95 -10.05 -7.84 -1.59
N ALA B 96 -10.83 -6.78 -1.31
CA ALA B 96 -10.38 -5.63 -0.56
C ALA B 96 -11.50 -5.26 0.41
N ILE B 97 -11.16 -5.10 1.69
CA ILE B 97 -12.13 -4.92 2.76
C ILE B 97 -11.86 -3.58 3.44
N PRO B 98 -12.84 -2.67 3.49
CA PRO B 98 -12.68 -1.43 4.26
C PRO B 98 -13.01 -1.66 5.73
N LEU B 99 -12.26 -0.98 6.60
CA LEU B 99 -12.41 -1.15 8.04
C LEU B 99 -13.04 0.10 8.67
N ARG B 100 -13.84 -0.11 9.71
CA ARG B 100 -14.46 1.00 10.41
C ARG B 100 -13.43 1.82 11.19
N SER B 101 -12.46 1.15 11.80
CA SER B 101 -11.44 1.81 12.61
C SER B 101 -10.08 1.67 11.94
N SER B 102 -9.35 2.79 11.87
CA SER B 102 -8.10 2.82 11.12
C SER B 102 -6.95 2.14 11.86
N TRP B 103 -6.94 2.21 13.20
CA TRP B 103 -5.82 1.72 14.00
C TRP B 103 -6.01 0.26 14.32
N VAL B 104 -5.32 -0.60 13.56
CA VAL B 104 -5.36 -2.04 13.74
C VAL B 104 -3.95 -2.51 14.09
N MET B 105 -3.88 -3.67 14.77
CA MET B 105 -2.61 -4.24 15.18
C MET B 105 -2.47 -5.72 14.87
N THR B 106 -3.54 -6.41 14.51
CA THR B 106 -3.49 -7.86 14.33
C THR B 106 -4.56 -8.31 13.34
N CYS B 107 -4.35 -9.49 12.76
CA CYS B 107 -5.28 -10.08 11.82
C CYS B 107 -5.07 -11.60 11.81
N ALA B 108 -6.12 -12.33 11.44
CA ALA B 108 -6.09 -13.79 11.40
C ALA B 108 -6.98 -14.32 10.29
N TYR B 109 -6.67 -15.53 9.84
CA TYR B 109 -7.41 -16.22 8.78
C TYR B 109 -7.85 -17.58 9.31
N ALA B 110 -9.12 -17.93 9.09
CA ALA B 110 -9.68 -19.13 9.67
C ALA B 110 -9.12 -20.40 9.01
N PRO B 111 -8.99 -21.48 9.78
CA PRO B 111 -8.50 -22.75 9.18
C PRO B 111 -9.39 -23.29 8.07
N SER B 112 -10.70 -23.11 8.16
CA SER B 112 -11.60 -23.57 7.12
C SER B 112 -11.54 -22.71 5.87
N GLY B 113 -11.26 -21.42 6.03
CA GLY B 113 -11.16 -20.50 4.92
C GLY B 113 -12.36 -19.61 4.71
N ASN B 114 -13.35 -19.65 5.60
CA ASN B 114 -14.58 -18.88 5.42
C ASN B 114 -14.56 -17.53 6.13
N TYR B 115 -13.58 -17.25 6.99
CA TYR B 115 -13.65 -16.08 7.85
C TYR B 115 -12.27 -15.46 8.01
N VAL B 116 -12.27 -14.16 8.34
CA VAL B 116 -11.08 -13.43 8.76
C VAL B 116 -11.45 -12.58 9.96
N ALA B 117 -10.43 -12.10 10.68
CA ALA B 117 -10.63 -11.28 11.87
C ALA B 117 -9.53 -10.23 11.99
N CYS B 118 -9.82 -9.17 12.73
CA CYS B 118 -8.84 -8.11 13.01
C CYS B 118 -9.29 -7.33 14.24
N GLY B 119 -8.39 -6.46 14.72
CA GLY B 119 -8.67 -5.63 15.87
C GLY B 119 -7.55 -4.65 16.12
N GLY B 120 -7.74 -3.80 17.12
CA GLY B 120 -6.75 -2.79 17.43
C GLY B 120 -7.06 -1.91 18.64
N LEU B 121 -6.88 -0.60 18.49
CA LEU B 121 -7.10 0.35 19.57
C LEU B 121 -8.58 0.55 19.89
N ASP B 122 -9.49 0.02 19.09
CA ASP B 122 -10.92 0.15 19.37
C ASP B 122 -11.40 -0.84 20.44
N ASN B 123 -10.54 -1.77 20.86
CA ASN B 123 -10.84 -2.80 21.86
C ASN B 123 -11.90 -3.80 21.41
N ILE B 124 -12.05 -4.03 20.10
CA ILE B 124 -13.09 -4.89 19.56
C ILE B 124 -12.48 -5.80 18.50
N CYS B 125 -12.92 -7.06 18.50
CA CYS B 125 -12.51 -8.05 17.50
C CYS B 125 -13.68 -8.30 16.56
N SER B 126 -13.43 -8.19 15.25
CA SER B 126 -14.45 -8.27 14.22
C SER B 126 -14.29 -9.54 13.40
N ILE B 127 -15.41 -10.11 12.96
CA ILE B 127 -15.43 -11.34 12.18
C ILE B 127 -16.11 -11.04 10.84
N TYR B 128 -15.47 -11.44 9.75
CA TYR B 128 -15.97 -11.18 8.40
C TYR B 128 -16.21 -12.50 7.67
N ASN B 129 -17.35 -12.61 7.00
CA ASN B 129 -17.70 -13.82 6.25
C ASN B 129 -17.28 -13.65 4.80
N LEU B 130 -16.49 -14.59 4.28
CA LEU B 130 -15.92 -14.49 2.95
C LEU B 130 -16.77 -15.12 1.86
N LYS B 131 -17.47 -16.22 2.16
CA LYS B 131 -18.15 -17.01 1.14
C LYS B 131 -19.66 -16.88 1.33
N THR B 132 -20.27 -16.00 0.54
CA THR B 132 -21.69 -15.68 0.64
C THR B 132 -22.31 -15.81 -0.74
N ARG B 133 -23.63 -16.06 -0.77
CA ARG B 133 -24.37 -16.18 -2.02
C ARG B 133 -24.60 -14.85 -2.72
N GLU B 134 -24.35 -13.73 -2.06
CA GLU B 134 -24.54 -12.42 -2.67
C GLU B 134 -23.28 -11.87 -3.33
N GLY B 135 -22.14 -12.54 -3.17
CA GLY B 135 -20.93 -12.12 -3.84
C GLY B 135 -20.12 -11.04 -3.16
N ASN B 136 -20.48 -10.64 -1.94
CA ASN B 136 -19.77 -9.60 -1.23
C ASN B 136 -19.41 -10.08 0.18
N VAL B 137 -18.41 -9.43 0.76
CA VAL B 137 -17.96 -9.72 2.11
C VAL B 137 -18.63 -8.76 3.09
N ARG B 138 -19.19 -9.29 4.17
CA ARG B 138 -19.79 -8.47 5.21
C ARG B 138 -19.37 -8.98 6.58
N VAL B 139 -19.56 -8.13 7.58
CA VAL B 139 -19.19 -8.45 8.96
C VAL B 139 -20.32 -9.27 9.58
N SER B 140 -19.97 -10.21 10.46
CA SER B 140 -20.93 -11.12 11.06
C SER B 140 -21.02 -10.99 12.58
N ARG B 141 -19.90 -10.83 13.27
CA ARG B 141 -19.89 -10.78 14.72
C ARG B 141 -18.84 -9.78 15.20
N GLU B 142 -19.09 -9.19 16.37
CA GLU B 142 -18.13 -8.30 17.04
C GLU B 142 -18.04 -8.69 18.50
N LEU B 143 -16.82 -8.73 19.03
CA LEU B 143 -16.55 -9.16 20.40
C LEU B 143 -16.03 -7.95 21.18
N ALA B 144 -16.67 -7.65 22.32
CA ALA B 144 -16.47 -6.38 23.01
C ALA B 144 -16.26 -6.54 24.51
N GLY B 145 -15.36 -7.41 24.94
CA GLY B 145 -15.19 -7.64 26.38
C GLY B 145 -14.01 -6.90 27.00
N HIS B 146 -12.92 -6.75 26.24
CA HIS B 146 -11.68 -6.24 26.82
C HIS B 146 -11.78 -4.75 27.15
N THR B 147 -10.95 -4.32 28.09
CA THR B 147 -10.83 -2.90 28.45
C THR B 147 -9.48 -2.32 28.06
N GLY B 148 -8.70 -3.03 27.25
CA GLY B 148 -7.45 -2.53 26.71
C GLY B 148 -7.35 -2.89 25.23
N TYR B 149 -6.32 -2.34 24.58
CA TYR B 149 -6.16 -2.56 23.15
C TYR B 149 -5.79 -4.02 22.87
N LEU B 150 -6.28 -4.51 21.73
CA LEU B 150 -6.01 -5.89 21.33
C LEU B 150 -4.64 -6.02 20.68
N SER B 151 -3.92 -7.07 21.04
CA SER B 151 -2.58 -7.33 20.54
C SER B 151 -2.50 -8.52 19.59
N CYS B 152 -3.31 -9.56 19.81
CA CYS B 152 -3.24 -10.75 18.97
C CYS B 152 -4.54 -11.53 19.08
N CYS B 153 -4.79 -12.37 18.08
CA CYS B 153 -5.97 -13.23 18.05
C CYS B 153 -5.72 -14.40 17.09
N ARG B 154 -6.29 -15.55 17.41
CA ARG B 154 -6.13 -16.75 16.59
C ARG B 154 -7.40 -17.61 16.68
N PHE B 155 -7.79 -18.19 15.55
CA PHE B 155 -8.95 -19.07 15.48
C PHE B 155 -8.61 -20.46 16.00
N LEU B 156 -9.54 -21.05 16.76
CA LEU B 156 -9.46 -22.45 17.13
C LEU B 156 -10.23 -23.33 16.15
N ASP B 157 -11.41 -22.88 15.74
CA ASP B 157 -12.25 -23.56 14.78
C ASP B 157 -13.18 -22.50 14.17
N ASP B 158 -14.24 -22.95 13.50
CA ASP B 158 -15.22 -22.01 12.95
C ASP B 158 -16.06 -21.33 14.02
N ASN B 159 -15.97 -21.77 15.29
CA ASN B 159 -16.82 -21.23 16.34
C ASN B 159 -16.07 -20.83 17.60
N GLN B 160 -14.74 -20.91 17.62
CA GLN B 160 -13.95 -20.54 18.80
C GLN B 160 -12.75 -19.70 18.39
N ILE B 161 -12.41 -18.73 19.24
CA ILE B 161 -11.30 -17.81 19.00
C ILE B 161 -10.74 -17.36 20.35
N VAL B 162 -9.44 -17.08 20.37
CA VAL B 162 -8.73 -16.65 21.58
C VAL B 162 -8.00 -15.35 21.28
N THR B 163 -8.11 -14.38 22.19
CA THR B 163 -7.57 -13.03 22.00
C THR B 163 -6.68 -12.63 23.16
N SER B 164 -5.87 -11.60 22.91
CA SER B 164 -4.96 -11.04 23.90
C SER B 164 -5.14 -9.52 23.95
N SER B 165 -4.93 -8.95 25.13
CA SER B 165 -5.21 -7.52 25.33
C SER B 165 -4.14 -6.90 26.22
N GLY B 166 -4.13 -5.56 26.21
CA GLY B 166 -3.25 -4.74 27.01
C GLY B 166 -3.71 -4.45 28.41
N ASP B 167 -4.82 -5.04 28.85
CA ASP B 167 -5.25 -4.97 30.24
C ASP B 167 -4.80 -6.19 31.05
N THR B 168 -3.73 -6.85 30.61
CA THR B 168 -3.11 -7.97 31.32
C THR B 168 -4.01 -9.20 31.42
N THR B 169 -4.84 -9.45 30.41
CA THR B 169 -5.77 -10.59 30.43
C THR B 169 -5.87 -11.23 29.05
N CYS B 170 -6.35 -12.47 29.05
CA CYS B 170 -6.70 -13.22 27.85
C CYS B 170 -8.09 -13.80 28.00
N ALA B 171 -8.74 -14.10 26.87
CA ALA B 171 -10.11 -14.57 26.90
C ALA B 171 -10.34 -15.61 25.79
N LEU B 172 -11.35 -16.44 26.01
CA LEU B 172 -11.85 -17.40 25.03
C LEU B 172 -13.32 -17.11 24.76
N TRP B 173 -13.71 -17.09 23.48
CA TRP B 173 -15.04 -16.65 23.09
C TRP B 173 -15.78 -17.76 22.37
N ASP B 174 -17.11 -17.67 22.40
CA ASP B 174 -18.01 -18.49 21.59
C ASP B 174 -18.66 -17.59 20.55
N ILE B 175 -18.33 -17.83 19.28
CA ILE B 175 -18.71 -16.89 18.22
C ILE B 175 -20.21 -16.86 18.02
N GLU B 176 -20.88 -18.01 18.15
CA GLU B 176 -22.31 -18.08 17.89
C GLU B 176 -23.10 -17.20 18.86
N THR B 177 -22.74 -17.23 20.13
CA THR B 177 -23.42 -16.41 21.14
C THR B 177 -22.70 -15.11 21.45
N GLY B 178 -21.43 -14.98 21.07
CA GLY B 178 -20.69 -13.76 21.32
C GLY B 178 -20.44 -13.48 22.78
N GLN B 179 -20.07 -14.50 23.56
CA GLN B 179 -19.85 -14.37 24.99
C GLN B 179 -18.52 -15.00 25.36
N GLN B 180 -17.93 -14.49 26.45
CA GLN B 180 -16.69 -15.05 26.96
C GLN B 180 -16.96 -16.33 27.73
N THR B 181 -16.10 -17.32 27.55
CA THR B 181 -16.20 -18.60 28.26
C THR B 181 -15.20 -18.73 29.39
N THR B 182 -13.94 -18.35 29.16
CA THR B 182 -12.89 -18.47 30.16
C THR B 182 -12.02 -17.22 30.12
N THR B 183 -11.51 -16.81 31.28
CA THR B 183 -10.63 -15.65 31.40
C THR B 183 -9.35 -16.08 32.11
N PHE B 184 -8.21 -15.60 31.61
CA PHE B 184 -6.90 -15.95 32.14
C PHE B 184 -6.26 -14.70 32.72
N THR B 185 -6.12 -14.65 34.06
CA THR B 185 -5.63 -13.48 34.78
C THR B 185 -4.46 -13.89 35.68
N GLY B 186 -3.24 -13.76 35.18
CA GLY B 186 -2.07 -13.96 36.01
C GLY B 186 -0.94 -12.97 35.80
N HIS B 187 -0.98 -12.20 34.72
CA HIS B 187 0.14 -11.35 34.38
C HIS B 187 0.09 -10.03 35.15
N THR B 188 1.20 -9.30 35.10
CA THR B 188 1.31 -7.99 35.74
C THR B 188 1.44 -6.85 34.74
N GLY B 189 2.09 -7.06 33.60
CA GLY B 189 2.23 -6.05 32.58
C GLY B 189 1.42 -6.39 31.35
N ASP B 190 1.47 -5.49 30.37
CA ASP B 190 0.69 -5.64 29.15
C ASP B 190 1.12 -6.88 28.38
N VAL B 191 0.15 -7.63 27.88
CA VAL B 191 0.43 -8.84 27.11
C VAL B 191 0.56 -8.47 25.64
N MET B 192 1.64 -8.95 25.01
CA MET B 192 1.98 -8.54 23.65
C MET B 192 1.62 -9.55 22.57
N SER B 193 1.76 -10.84 22.83
CA SER B 193 1.53 -11.84 21.80
C SER B 193 1.15 -13.17 22.41
N LEU B 194 0.55 -14.04 21.58
CA LEU B 194 0.21 -15.40 21.95
C LEU B 194 0.44 -16.33 20.78
N SER B 195 0.64 -17.62 21.08
CA SER B 195 0.87 -18.64 20.07
C SER B 195 0.10 -19.90 20.45
N LEU B 196 -0.51 -20.54 19.47
CA LEU B 196 -1.35 -21.71 19.71
C LEU B 196 -0.56 -23.00 19.48
N ALA B 197 -0.87 -24.01 20.28
CA ALA B 197 -0.21 -25.30 20.14
C ALA B 197 -0.73 -26.03 18.90
N PRO B 198 0.07 -26.95 18.35
CA PRO B 198 -0.40 -27.73 17.20
C PRO B 198 -1.68 -28.53 17.48
N ASP B 199 -1.84 -29.06 18.69
CA ASP B 199 -3.04 -29.82 19.03
C ASP B 199 -4.17 -28.93 19.56
N THR B 200 -3.96 -27.61 19.63
CA THR B 200 -4.92 -26.61 20.10
C THR B 200 -5.41 -26.88 21.52
N ARG B 201 -4.60 -27.55 22.35
CA ARG B 201 -4.98 -27.78 23.74
C ARG B 201 -4.29 -26.82 24.71
N LEU B 202 -3.22 -26.15 24.27
CA LEU B 202 -2.46 -25.24 25.11
C LEU B 202 -2.04 -24.02 24.30
N PHE B 203 -1.61 -22.98 25.01
CA PHE B 203 -1.04 -21.80 24.37
C PHE B 203 -0.17 -21.06 25.39
N VAL B 204 0.71 -20.20 24.88
CA VAL B 204 1.64 -19.44 25.70
C VAL B 204 1.51 -17.96 25.37
N SER B 205 1.93 -17.11 26.31
CA SER B 205 1.85 -15.66 26.18
C SER B 205 3.12 -15.00 26.71
N GLY B 206 3.38 -13.80 26.24
CA GLY B 206 4.47 -12.99 26.75
C GLY B 206 4.00 -11.57 27.04
N ALA B 207 4.55 -10.99 28.10
CA ALA B 207 4.09 -9.70 28.59
C ALA B 207 5.26 -8.76 28.84
N CYS B 208 4.92 -7.54 29.26
CA CYS B 208 5.91 -6.50 29.55
C CYS B 208 6.59 -6.67 30.90
N ASP B 209 6.10 -7.56 31.76
CA ASP B 209 6.76 -7.86 33.02
C ASP B 209 7.92 -8.83 32.85
N ALA B 210 8.36 -9.06 31.61
CA ALA B 210 9.48 -9.95 31.30
C ALA B 210 9.24 -11.38 31.77
N SER B 211 8.03 -11.90 31.59
CA SER B 211 7.71 -13.27 31.94
C SER B 211 6.78 -13.88 30.90
N ALA B 212 6.79 -15.21 30.83
CA ALA B 212 5.92 -15.97 29.96
C ALA B 212 5.19 -17.04 30.78
N LYS B 213 3.97 -17.38 30.36
CA LYS B 213 3.13 -18.31 31.09
C LYS B 213 2.50 -19.33 30.15
N LEU B 214 2.18 -20.49 30.70
CA LEU B 214 1.52 -21.57 29.96
C LEU B 214 0.12 -21.76 30.50
N TRP B 215 -0.85 -21.92 29.59
CA TRP B 215 -2.26 -21.95 29.95
C TRP B 215 -2.92 -23.22 29.43
N ASP B 216 -3.93 -23.69 30.16
CA ASP B 216 -4.76 -24.82 29.77
C ASP B 216 -6.10 -24.30 29.28
N VAL B 217 -6.48 -24.68 28.06
CA VAL B 217 -7.69 -24.13 27.45
C VAL B 217 -8.93 -24.63 28.17
N ARG B 218 -9.02 -25.95 28.41
CA ARG B 218 -10.22 -26.51 29.01
C ARG B 218 -10.33 -26.14 30.49
N GLU B 219 -9.24 -26.27 31.24
CA GLU B 219 -9.26 -25.97 32.66
C GLU B 219 -9.31 -24.47 32.94
N GLY B 220 -8.56 -23.68 32.18
CA GLY B 220 -8.51 -22.24 32.41
C GLY B 220 -7.62 -21.79 33.53
N MET B 221 -6.58 -22.55 33.85
CA MET B 221 -5.65 -22.20 34.93
C MET B 221 -4.22 -22.28 34.43
N CYS B 222 -3.33 -21.57 35.11
CA CYS B 222 -1.94 -21.43 34.69
C CYS B 222 -1.10 -22.57 35.25
N ARG B 223 -0.23 -23.13 34.41
CA ARG B 223 0.63 -24.25 34.79
C ARG B 223 2.05 -23.82 35.12
N GLN B 224 2.71 -23.07 34.24
CA GLN B 224 4.13 -22.80 34.39
C GLN B 224 4.41 -21.33 34.15
N THR B 225 5.52 -20.84 34.70
CA THR B 225 5.96 -19.47 34.52
C THR B 225 7.45 -19.44 34.24
N PHE B 226 7.85 -18.61 33.28
CA PHE B 226 9.24 -18.53 32.83
C PHE B 226 9.72 -17.09 32.93
N THR B 227 10.96 -16.90 33.37
CA THR B 227 11.55 -15.58 33.52
C THR B 227 12.98 -15.58 32.97
N GLY B 228 13.58 -14.40 32.92
CA GLY B 228 14.96 -14.27 32.50
C GLY B 228 15.28 -13.06 31.65
N HIS B 229 14.34 -12.58 30.85
CA HIS B 229 14.58 -11.41 30.02
C HIS B 229 14.66 -10.16 30.89
N GLU B 230 15.36 -9.14 30.39
CA GLU B 230 15.59 -7.91 31.14
C GLU B 230 14.67 -6.77 30.72
N SER B 231 13.74 -7.00 29.80
CA SER B 231 12.85 -5.94 29.34
C SER B 231 11.60 -6.59 28.75
N ASP B 232 10.81 -5.80 28.03
CA ASP B 232 9.54 -6.27 27.49
C ASP B 232 9.76 -7.33 26.41
N ILE B 233 8.88 -8.33 26.40
CA ILE B 233 8.90 -9.39 25.40
C ILE B 233 7.89 -9.02 24.31
N ASN B 234 8.32 -9.11 23.05
CA ASN B 234 7.52 -8.60 21.95
C ASN B 234 6.91 -9.70 21.07
N ALA B 235 7.55 -10.87 20.99
CA ALA B 235 7.08 -11.93 20.11
C ALA B 235 7.29 -13.29 20.77
N ILE B 236 6.51 -14.28 20.32
CA ILE B 236 6.57 -15.63 20.85
C ILE B 236 6.04 -16.60 19.80
N CYS B 237 6.57 -17.82 19.80
CA CYS B 237 6.24 -18.80 18.76
C CYS B 237 6.51 -20.21 19.29
N PHE B 238 5.64 -21.16 18.91
CA PHE B 238 5.81 -22.55 19.29
C PHE B 238 6.77 -23.28 18.37
N PHE B 239 7.39 -24.33 18.91
CA PHE B 239 8.17 -25.26 18.11
C PHE B 239 7.23 -26.24 17.39
N PRO B 240 7.65 -26.80 16.25
CA PRO B 240 6.74 -27.69 15.49
C PRO B 240 6.21 -28.89 16.27
N ASN B 241 6.99 -29.52 17.14
CA ASN B 241 6.46 -30.65 17.89
C ASN B 241 5.72 -30.25 19.16
N GLY B 242 5.80 -28.99 19.57
CA GLY B 242 5.04 -28.51 20.71
C GLY B 242 5.67 -28.67 22.07
N ASN B 243 6.99 -28.87 22.14
CA ASN B 243 7.67 -29.01 23.42
C ASN B 243 8.66 -27.88 23.70
N ALA B 244 8.59 -26.77 22.95
CA ALA B 244 9.48 -25.64 23.17
C ALA B 244 8.86 -24.40 22.54
N PHE B 245 9.42 -23.25 22.89
CA PHE B 245 8.99 -21.98 22.31
C PHE B 245 10.12 -20.97 22.44
N ALA B 246 10.02 -19.88 21.66
CA ALA B 246 11.05 -18.86 21.59
C ALA B 246 10.45 -17.48 21.83
N THR B 247 11.29 -16.55 22.27
CA THR B 247 10.86 -15.20 22.64
C THR B 247 11.82 -14.17 22.05
N GLY B 248 11.32 -12.96 21.86
CA GLY B 248 12.16 -11.84 21.43
C GLY B 248 11.80 -10.59 22.20
N SER B 249 12.83 -9.87 22.65
CA SER B 249 12.65 -8.80 23.63
C SER B 249 13.34 -7.52 23.17
N ASP B 250 13.13 -6.45 23.94
CA ASP B 250 13.68 -5.13 23.67
C ASP B 250 15.15 -5.00 24.03
N ASP B 251 15.69 -5.90 24.85
CA ASP B 251 17.11 -5.85 25.21
C ASP B 251 18.01 -6.42 24.12
N ALA B 252 17.48 -6.61 22.90
CA ALA B 252 18.25 -7.04 21.73
C ALA B 252 18.79 -8.46 21.88
N THR B 253 17.93 -9.40 22.26
CA THR B 253 18.33 -10.79 22.41
C THR B 253 17.11 -11.72 22.22
N CYS B 254 17.41 -13.00 22.00
CA CYS B 254 16.40 -14.04 21.94
C CYS B 254 16.80 -15.16 22.90
N ARG B 255 15.81 -15.98 23.28
CA ARG B 255 16.04 -17.11 24.17
C ARG B 255 15.08 -18.24 23.83
N LEU B 256 15.44 -19.44 24.27
CA LEU B 256 14.67 -20.66 24.04
C LEU B 256 14.33 -21.31 25.36
N PHE B 257 13.12 -21.85 25.46
CA PHE B 257 12.61 -22.47 26.69
C PHE B 257 12.09 -23.86 26.40
N ASP B 258 12.12 -24.73 27.40
CA ASP B 258 11.61 -26.09 27.29
C ASP B 258 10.48 -26.30 28.29
N LEU B 259 9.42 -26.97 27.85
CA LEU B 259 8.25 -27.16 28.70
C LEU B 259 8.51 -28.20 29.79
N ARG B 260 9.12 -29.32 29.43
CA ARG B 260 9.36 -30.38 30.42
C ARG B 260 10.52 -30.03 31.36
N ALA B 261 11.56 -29.40 30.84
CA ALA B 261 12.67 -28.95 31.68
C ALA B 261 12.33 -27.69 32.48
N ASP B 262 11.50 -26.81 31.92
CA ASP B 262 10.98 -25.64 32.64
C ASP B 262 12.09 -24.65 32.99
N GLN B 263 12.98 -24.40 32.04
CA GLN B 263 14.00 -23.37 32.18
C GLN B 263 14.66 -23.12 30.82
N GLU B 264 15.55 -22.12 30.80
CA GLU B 264 16.16 -21.68 29.55
C GLU B 264 17.11 -22.72 28.99
N LEU B 265 17.32 -22.68 27.67
CA LEU B 265 18.33 -23.49 27.01
C LEU B 265 19.38 -22.69 26.25
N MET B 266 18.97 -21.74 25.43
CA MET B 266 19.89 -21.08 24.50
C MET B 266 19.56 -19.59 24.42
N THR B 267 20.60 -18.80 24.14
CA THR B 267 20.49 -17.35 23.97
C THR B 267 21.14 -16.93 22.67
N TYR B 268 20.43 -16.12 21.87
CA TYR B 268 20.90 -15.65 20.58
C TYR B 268 21.11 -14.15 20.66
N SER B 269 22.36 -13.70 20.57
CA SER B 269 22.67 -12.28 20.70
C SER B 269 23.97 -11.97 19.98
N HIS B 270 24.18 -10.68 19.73
CA HIS B 270 25.40 -10.19 19.11
C HIS B 270 25.71 -8.79 19.64
N ASP B 271 27.00 -8.48 19.74
CA ASP B 271 27.44 -7.22 20.32
C ASP B 271 27.05 -6.02 19.47
N ASN B 272 27.15 -6.13 18.15
CA ASN B 272 26.83 -5.00 17.27
C ASN B 272 25.34 -4.67 17.30
N ILE B 273 24.48 -5.66 17.53
CA ILE B 273 23.04 -5.46 17.52
C ILE B 273 22.63 -4.74 18.80
N ILE B 274 21.89 -3.64 18.65
CA ILE B 274 21.49 -2.82 19.78
C ILE B 274 19.98 -2.61 19.87
N CYS B 275 19.27 -2.65 18.75
CA CYS B 275 17.83 -2.40 18.74
C CYS B 275 17.06 -3.67 19.10
N GLY B 276 15.75 -3.51 19.32
CA GLY B 276 14.91 -4.61 19.74
C GLY B 276 14.41 -5.48 18.60
N ILE B 277 13.62 -6.49 18.97
CA ILE B 277 13.09 -7.48 18.04
C ILE B 277 11.59 -7.31 17.96
N THR B 278 11.05 -7.34 16.74
CA THR B 278 9.62 -7.12 16.50
C THR B 278 8.82 -8.39 16.26
N SER B 279 9.41 -9.41 15.65
CA SER B 279 8.67 -10.61 15.30
C SER B 279 9.64 -11.80 15.21
N VAL B 280 9.09 -13.01 15.26
CA VAL B 280 9.88 -14.22 15.24
C VAL B 280 9.03 -15.38 14.74
N SER B 281 9.66 -16.33 14.06
CA SER B 281 8.96 -17.51 13.54
C SER B 281 9.97 -18.63 13.30
N PHE B 282 9.45 -19.86 13.21
CA PHE B 282 10.26 -21.04 12.97
C PHE B 282 10.04 -21.56 11.55
N SER B 283 10.95 -22.42 11.12
CA SER B 283 10.84 -23.11 9.84
C SER B 283 10.03 -24.40 10.00
N LYS B 284 9.89 -25.12 8.89
CA LYS B 284 9.10 -26.35 8.90
C LYS B 284 9.74 -27.41 9.79
N SER B 285 11.06 -27.55 9.71
CA SER B 285 11.78 -28.57 10.45
C SER B 285 12.18 -28.12 11.86
N GLY B 286 12.01 -26.84 12.17
CA GLY B 286 12.48 -26.33 13.45
C GLY B 286 13.97 -26.14 13.54
N ARG B 287 14.66 -26.02 12.40
CA ARG B 287 16.11 -25.83 12.41
C ARG B 287 16.50 -24.36 12.28
N LEU B 288 15.66 -23.53 11.67
CA LEU B 288 15.97 -22.13 11.45
C LEU B 288 15.02 -21.26 12.28
N LEU B 289 15.58 -20.21 12.89
CA LEU B 289 14.82 -19.21 13.62
C LEU B 289 14.98 -17.88 12.91
N LEU B 290 13.85 -17.26 12.57
CA LEU B 290 13.81 -16.04 11.78
C LEU B 290 13.21 -14.92 12.62
N ALA B 291 13.88 -13.77 12.66
CA ALA B 291 13.46 -12.64 13.47
C ALA B 291 13.59 -11.35 12.70
N GLY B 292 12.65 -10.43 12.91
CA GLY B 292 12.75 -9.09 12.37
C GLY B 292 13.23 -8.09 13.41
N TYR B 293 13.99 -7.09 12.96
CA TYR B 293 14.65 -6.16 13.86
C TYR B 293 14.27 -4.72 13.50
N ASP B 294 14.73 -3.78 14.32
CA ASP B 294 14.46 -2.37 14.13
C ASP B 294 15.50 -1.67 13.25
N ASP B 295 16.58 -2.35 12.89
CA ASP B 295 17.63 -1.80 12.05
C ASP B 295 17.40 -2.09 10.58
N PHE B 296 16.12 -2.24 10.19
CA PHE B 296 15.67 -2.41 8.81
C PHE B 296 16.07 -3.77 8.23
N ASN B 297 16.41 -4.74 9.07
CA ASN B 297 16.92 -6.01 8.59
C ASN B 297 16.16 -7.16 9.22
N CYS B 298 16.23 -8.32 8.58
CA CYS B 298 15.72 -9.57 9.09
C CYS B 298 16.85 -10.59 9.11
N ASN B 299 17.10 -11.18 10.28
CA ASN B 299 18.21 -12.10 10.46
C ASN B 299 17.70 -13.54 10.58
N VAL B 300 18.52 -14.47 10.10
CA VAL B 300 18.23 -15.90 10.16
C VAL B 300 19.17 -16.52 11.18
N TRP B 301 18.59 -17.17 12.19
CA TRP B 301 19.34 -17.80 13.26
C TRP B 301 19.18 -19.31 13.19
N ASP B 302 20.25 -20.02 13.56
CA ASP B 302 20.15 -21.45 13.79
C ASP B 302 19.52 -21.70 15.15
N ALA B 303 18.58 -22.64 15.20
CA ALA B 303 17.95 -22.96 16.48
C ALA B 303 18.88 -23.75 17.38
N LEU B 304 19.59 -24.73 16.81
CA LEU B 304 20.46 -25.60 17.62
C LEU B 304 21.76 -24.90 18.01
N LYS B 305 22.32 -24.08 17.12
CA LYS B 305 23.56 -23.36 17.37
C LYS B 305 23.25 -21.89 17.63
N ALA B 306 24.29 -21.14 17.95
CA ALA B 306 24.19 -19.73 18.30
C ALA B 306 24.92 -18.84 17.30
N ASP B 307 24.72 -19.11 16.00
CA ASP B 307 25.40 -18.37 14.95
C ASP B 307 24.40 -17.77 13.97
N ARG B 308 24.79 -16.67 13.36
CA ARG B 308 23.96 -16.01 12.35
C ARG B 308 24.08 -16.75 11.03
N ALA B 309 22.93 -16.95 10.36
CA ALA B 309 22.89 -17.79 9.17
C ALA B 309 22.53 -17.04 7.90
N GLY B 310 21.99 -15.84 7.99
CA GLY B 310 21.65 -15.09 6.78
C GLY B 310 21.01 -13.77 7.14
N VAL B 311 20.93 -12.90 6.14
CA VAL B 311 20.35 -11.57 6.28
C VAL B 311 19.42 -11.32 5.10
N LEU B 312 18.25 -10.77 5.38
CA LEU B 312 17.29 -10.38 4.35
C LEU B 312 17.16 -8.85 4.40
N ALA B 313 18.02 -8.16 3.64
CA ALA B 313 18.10 -6.71 3.67
C ALA B 313 17.49 -6.16 2.38
N GLY B 314 16.20 -5.84 2.44
CA GLY B 314 15.51 -5.30 1.29
C GLY B 314 14.48 -4.24 1.61
N HIS B 315 14.39 -3.84 2.88
CA HIS B 315 13.37 -2.88 3.32
C HIS B 315 14.04 -1.59 3.77
N ASP B 316 13.33 -0.48 3.55
CA ASP B 316 13.83 0.85 3.87
C ASP B 316 13.35 1.36 5.22
N ASN B 317 12.57 0.58 5.96
CA ASN B 317 12.09 0.99 7.27
C ASN B 317 11.99 -0.26 8.15
N ARG B 318 11.37 -0.09 9.31
CA ARG B 318 11.33 -1.16 10.31
C ARG B 318 10.48 -2.33 9.83
N VAL B 319 10.95 -3.54 10.12
CA VAL B 319 10.25 -4.77 9.77
C VAL B 319 9.21 -5.04 10.85
N SER B 320 7.95 -5.22 10.45
CA SER B 320 6.87 -5.36 11.41
C SER B 320 6.51 -6.83 11.68
N CYS B 321 6.47 -7.66 10.64
CA CYS B 321 5.93 -9.01 10.76
C CYS B 321 6.60 -9.93 9.76
N LEU B 322 6.47 -11.24 10.01
CA LEU B 322 6.99 -12.27 9.12
C LEU B 322 6.31 -13.60 9.43
N GLY B 323 6.20 -14.46 8.41
CA GLY B 323 5.52 -15.73 8.57
C GLY B 323 6.02 -16.74 7.57
N VAL B 324 5.71 -18.02 7.84
CA VAL B 324 6.13 -19.14 7.01
C VAL B 324 4.92 -20.00 6.67
N THR B 325 4.90 -20.52 5.44
CA THR B 325 3.78 -21.31 4.96
C THR B 325 3.71 -22.67 5.66
N ASP B 326 2.54 -23.31 5.57
CA ASP B 326 2.35 -24.63 6.15
C ASP B 326 3.21 -25.68 5.46
N ASP B 327 3.35 -25.58 4.13
CA ASP B 327 4.19 -26.53 3.42
C ASP B 327 5.67 -26.16 3.46
N GLY B 328 6.01 -24.98 3.95
CA GLY B 328 7.40 -24.57 4.10
C GLY B 328 8.06 -24.05 2.84
N MET B 329 7.30 -23.52 1.89
CA MET B 329 7.88 -23.13 0.61
C MET B 329 8.44 -21.71 0.65
N ALA B 330 7.64 -20.73 1.10
CA ALA B 330 8.00 -19.34 0.97
C ALA B 330 7.89 -18.63 2.31
N VAL B 331 8.46 -17.42 2.36
CA VAL B 331 8.47 -16.56 3.54
C VAL B 331 8.01 -15.17 3.12
N ALA B 332 7.20 -14.54 3.96
CA ALA B 332 6.69 -13.19 3.72
C ALA B 332 7.15 -12.24 4.82
N THR B 333 7.43 -10.99 4.44
CA THR B 333 7.79 -9.95 5.40
C THR B 333 7.03 -8.66 5.08
N GLY B 334 6.64 -7.94 6.12
CA GLY B 334 6.05 -6.63 5.97
C GLY B 334 6.88 -5.60 6.71
N SER B 335 6.81 -4.35 6.25
CA SER B 335 7.62 -3.29 6.83
C SER B 335 6.82 -2.00 6.89
N TRP B 336 7.45 -0.98 7.46
CA TRP B 336 6.85 0.35 7.60
C TRP B 336 6.94 1.18 6.32
N ASP B 337 7.58 0.65 5.28
CA ASP B 337 7.67 1.33 3.99
C ASP B 337 6.50 0.97 3.07
N SER B 338 5.54 0.19 3.56
CA SER B 338 4.28 -0.16 2.88
C SER B 338 4.46 -1.17 1.75
N PHE B 339 5.42 -2.09 1.85
CA PHE B 339 5.59 -3.12 0.84
C PHE B 339 5.67 -4.49 1.48
N LEU B 340 5.14 -5.49 0.78
CA LEU B 340 5.21 -6.89 1.18
C LEU B 340 6.09 -7.63 0.19
N LYS B 341 6.91 -8.55 0.69
CA LYS B 341 7.83 -9.31 -0.14
C LYS B 341 7.67 -10.80 0.13
N ILE B 342 7.86 -11.61 -0.92
CA ILE B 342 7.90 -13.06 -0.80
C ILE B 342 9.34 -13.51 -1.09
N TRP B 343 9.90 -14.30 -0.18
CA TRP B 343 11.26 -14.77 -0.31
C TRP B 343 11.28 -16.29 -0.44
N ASN B 344 12.26 -16.79 -1.17
CA ASN B 344 12.37 -18.22 -1.42
C ASN B 344 13.80 -18.62 -1.76
N ALA C 7 -8.31 -7.97 50.98
CA ALA C 7 -7.58 -7.13 50.03
C ALA C 7 -6.18 -7.68 49.78
N SER C 8 -5.20 -7.15 50.52
CA SER C 8 -3.83 -7.63 50.38
C SER C 8 -3.70 -9.07 50.84
N ILE C 9 -4.41 -9.44 51.91
CA ILE C 9 -4.33 -10.81 52.43
C ILE C 9 -4.84 -11.81 51.40
N ALA C 10 -5.95 -11.49 50.73
CA ALA C 10 -6.48 -12.40 49.73
C ALA C 10 -5.52 -12.56 48.56
N GLN C 11 -4.91 -11.47 48.10
CA GLN C 11 -3.95 -11.56 47.00
C GLN C 11 -2.73 -12.37 47.40
N ALA C 12 -2.23 -12.17 48.62
CA ALA C 12 -1.08 -12.93 49.09
C ALA C 12 -1.42 -14.42 49.20
N ARG C 13 -2.61 -14.74 49.71
CA ARG C 13 -3.02 -16.14 49.80
C ARG C 13 -3.15 -16.76 48.42
N LYS C 14 -3.70 -16.03 47.46
CA LYS C 14 -3.79 -16.54 46.09
C LYS C 14 -2.41 -16.78 45.49
N LEU C 15 -1.48 -15.86 45.74
CA LEU C 15 -0.11 -16.04 45.25
C LEU C 15 0.54 -17.27 45.87
N VAL C 16 0.35 -17.47 47.18
CA VAL C 16 0.91 -18.64 47.85
C VAL C 16 0.32 -19.92 47.29
N GLU C 17 -1.00 -19.93 47.07
CA GLU C 17 -1.64 -21.13 46.50
C GLU C 17 -1.12 -21.41 45.09
N GLN C 18 -0.95 -20.36 44.28
CA GLN C 18 -0.44 -20.55 42.92
C GLN C 18 0.99 -21.09 42.95
N LEU C 19 1.83 -20.56 43.84
CA LEU C 19 3.18 -21.06 43.97
C LEU C 19 3.21 -22.52 44.42
N LYS C 20 2.33 -22.87 45.37
CA LYS C 20 2.27 -24.25 45.83
C LYS C 20 1.84 -25.18 44.70
N MET C 21 0.86 -24.75 43.89
CA MET C 21 0.43 -25.55 42.75
C MET C 21 1.56 -25.71 41.74
N GLU C 22 2.32 -24.64 41.50
CA GLU C 22 3.40 -24.70 40.52
C GLU C 22 4.59 -25.49 41.04
N ALA C 23 4.70 -25.68 42.36
CA ALA C 23 5.83 -26.42 42.91
C ALA C 23 5.70 -27.92 42.71
N ASN C 24 4.46 -28.41 42.56
CA ASN C 24 4.25 -29.86 42.52
C ASN C 24 4.60 -30.46 41.16
N ILE C 25 4.95 -29.63 40.18
CA ILE C 25 5.21 -30.12 38.83
C ILE C 25 6.45 -31.02 38.83
N ASP C 26 6.34 -32.16 38.16
CA ASP C 26 7.48 -33.05 37.97
C ASP C 26 8.32 -32.59 36.80
N ARG C 27 9.65 -32.71 36.94
CA ARG C 27 10.58 -32.18 35.96
C ARG C 27 11.60 -33.25 35.58
N ILE C 28 11.85 -33.40 34.28
CA ILE C 28 12.91 -34.28 33.78
C ILE C 28 14.19 -33.49 33.62
N LYS C 29 15.32 -34.19 33.51
CA LYS C 29 16.59 -33.53 33.31
C LYS C 29 16.67 -32.93 31.90
N VAL C 30 17.48 -31.87 31.78
CA VAL C 30 17.53 -31.09 30.55
C VAL C 30 18.23 -31.86 29.44
N SER C 31 19.08 -32.82 29.80
CA SER C 31 19.80 -33.59 28.79
C SER C 31 18.84 -34.38 27.91
N LYS C 32 17.84 -35.02 28.51
CA LYS C 32 16.85 -35.76 27.74
C LYS C 32 16.05 -34.84 26.83
N ALA C 33 15.69 -33.65 27.31
CA ALA C 33 14.95 -32.70 26.49
C ALA C 33 15.79 -32.23 25.30
N ALA C 34 17.07 -31.93 25.53
CA ALA C 34 17.94 -31.53 24.43
C ALA C 34 18.11 -32.65 23.42
N ALA C 35 18.28 -33.89 23.90
CA ALA C 35 18.40 -35.03 23.00
C ALA C 35 17.13 -35.26 22.19
N ASP C 36 15.96 -35.10 22.79
CA ASP C 36 14.70 -35.23 22.07
C ASP C 36 14.46 -34.11 21.08
N LEU C 37 14.91 -32.89 21.39
CA LEU C 37 14.73 -31.78 20.47
C LEU C 37 15.71 -31.84 19.29
N MET C 38 16.91 -32.36 19.49
CA MET C 38 17.82 -32.57 18.36
C MET C 38 17.33 -33.69 17.45
N ALA C 39 16.79 -34.76 18.01
CA ALA C 39 16.38 -35.92 17.25
C ALA C 39 15.11 -35.67 16.43
N TYR C 40 14.41 -34.57 16.67
CA TYR C 40 13.26 -34.24 15.84
C TYR C 40 13.65 -33.74 14.46
N CYS C 41 14.67 -32.90 14.37
CA CYS C 41 15.08 -32.32 13.10
C CYS C 41 15.72 -33.32 12.16
N GLU C 42 16.33 -34.39 12.68
CA GLU C 42 17.01 -35.35 11.83
C GLU C 42 16.03 -36.06 10.90
N ALA C 43 14.85 -36.43 11.40
CA ALA C 43 13.86 -37.12 10.59
C ALA C 43 13.04 -36.18 9.70
N HIS C 44 13.22 -34.87 9.85
CA HIS C 44 12.45 -33.89 9.09
C HIS C 44 13.36 -32.93 8.31
N ALA C 45 14.67 -33.15 8.31
CA ALA C 45 15.60 -32.29 7.59
C ALA C 45 15.54 -32.47 6.09
N LYS C 46 15.04 -33.61 5.61
CA LYS C 46 14.98 -33.86 4.17
C LYS C 46 13.77 -33.20 3.52
N GLU C 47 12.79 -32.77 4.29
CA GLU C 47 11.56 -32.22 3.72
C GLU C 47 11.36 -30.76 4.11
N ASP C 48 12.45 -30.02 4.25
CA ASP C 48 12.41 -28.59 4.57
C ASP C 48 12.96 -27.81 3.39
N PRO C 49 12.08 -27.23 2.56
CA PRO C 49 12.54 -26.60 1.32
C PRO C 49 13.41 -25.37 1.51
N LEU C 50 13.49 -24.81 2.71
CA LEU C 50 14.35 -23.66 2.95
C LEU C 50 15.77 -24.03 3.32
N LEU C 51 16.01 -25.25 3.81
CA LEU C 51 17.37 -25.71 4.04
C LEU C 51 18.07 -26.03 2.73
N THR C 52 17.38 -26.71 1.81
CA THR C 52 17.93 -27.09 0.52
C THR C 52 16.99 -26.62 -0.57
N PRO C 53 17.42 -25.77 -1.50
CA PRO C 53 16.51 -25.29 -2.55
C PRO C 53 16.00 -26.43 -3.41
N VAL C 54 14.74 -26.35 -3.79
CA VAL C 54 14.08 -27.34 -4.64
C VAL C 54 14.40 -27.01 -6.10
N PRO C 55 14.30 -27.96 -7.01
CA PRO C 55 14.53 -27.64 -8.44
C PRO C 55 13.47 -26.67 -8.95
N ALA C 56 13.89 -25.85 -9.93
CA ALA C 56 13.03 -24.80 -10.45
C ALA C 56 11.80 -25.36 -11.15
N SER C 57 11.83 -26.63 -11.53
CA SER C 57 10.67 -27.24 -12.17
C SER C 57 9.47 -27.30 -11.22
N GLU C 58 9.71 -27.64 -9.96
CA GLU C 58 8.64 -27.79 -8.98
C GLU C 58 8.51 -26.57 -8.07
N ASN C 59 9.27 -25.51 -8.30
CA ASN C 59 9.21 -24.32 -7.46
C ASN C 59 8.09 -23.41 -7.96
N PRO C 60 7.05 -23.16 -7.17
CA PRO C 60 5.92 -22.34 -7.65
C PRO C 60 6.24 -20.87 -7.85
N PHE C 61 7.38 -20.39 -7.36
CA PHE C 61 7.74 -18.98 -7.45
C PHE C 61 8.93 -18.77 -8.37
N ARG C 62 9.07 -19.61 -9.40
CA ARG C 62 10.20 -19.51 -10.32
C ARG C 62 10.01 -18.34 -11.28
N GLU C 63 8.96 -18.38 -12.08
CA GLU C 63 8.69 -17.33 -13.06
C GLU C 63 7.24 -17.37 -13.53
N VAL D 2 -32.11 -14.53 -4.68
CA VAL D 2 -31.56 -14.35 -6.03
C VAL D 2 -32.64 -14.64 -7.06
N GLN D 3 -32.91 -13.66 -7.92
CA GLN D 3 -33.93 -13.76 -8.95
C GLN D 3 -33.44 -13.12 -10.24
N LEU D 4 -33.79 -13.74 -11.37
CA LEU D 4 -33.48 -13.23 -12.70
C LEU D 4 -34.69 -13.45 -13.58
N VAL D 5 -35.36 -12.37 -13.97
CA VAL D 5 -36.59 -12.44 -14.75
C VAL D 5 -36.35 -11.76 -16.10
N GLU D 6 -36.72 -12.46 -17.17
CA GLU D 6 -36.57 -11.95 -18.53
C GLU D 6 -37.94 -11.67 -19.13
N SER D 7 -38.00 -10.67 -20.02
CA SER D 7 -39.26 -10.24 -20.60
C SER D 7 -39.06 -9.90 -22.07
N GLY D 8 -40.17 -9.88 -22.80
CA GLY D 8 -40.15 -9.61 -24.23
C GLY D 8 -40.86 -10.68 -25.03
N GLY D 9 -40.21 -11.16 -26.09
CA GLY D 9 -40.73 -12.28 -26.86
C GLY D 9 -41.88 -11.92 -27.77
N GLY D 10 -42.89 -12.80 -27.84
CA GLY D 10 -44.02 -12.55 -28.70
C GLY D 10 -43.78 -12.99 -30.14
N LEU D 11 -44.72 -12.63 -31.01
CA LEU D 11 -44.67 -12.98 -32.42
C LEU D 11 -44.16 -11.80 -33.22
N VAL D 12 -43.14 -12.04 -34.04
CA VAL D 12 -42.50 -11.00 -34.86
C VAL D 12 -42.41 -11.49 -36.29
N GLN D 13 -42.80 -10.62 -37.23
CA GLN D 13 -42.68 -10.93 -38.65
C GLN D 13 -41.21 -10.92 -39.08
N PRO D 14 -40.89 -11.62 -40.16
CA PRO D 14 -39.50 -11.63 -40.65
C PRO D 14 -39.04 -10.24 -41.06
N GLY D 15 -37.73 -10.01 -40.93
CA GLY D 15 -37.15 -8.71 -41.20
C GLY D 15 -37.59 -7.65 -40.23
N GLY D 16 -37.64 -7.99 -38.94
CA GLY D 16 -38.04 -7.06 -37.92
C GLY D 16 -36.99 -6.97 -36.82
N SER D 17 -37.27 -6.11 -35.84
CA SER D 17 -36.38 -5.88 -34.72
C SER D 17 -37.16 -5.96 -33.41
N ARG D 18 -36.49 -6.42 -32.35
CA ARG D 18 -37.11 -6.48 -31.03
C ARG D 18 -36.02 -6.54 -29.98
N LYS D 19 -36.35 -6.06 -28.77
CA LYS D 19 -35.40 -5.97 -27.67
C LYS D 19 -35.90 -6.77 -26.47
N LEU D 20 -34.97 -7.49 -25.83
CA LEU D 20 -35.27 -8.26 -24.64
C LEU D 20 -34.58 -7.62 -23.43
N SER D 21 -35.17 -7.83 -22.25
CA SER D 21 -34.67 -7.22 -21.03
C SER D 21 -34.63 -8.26 -19.91
N CYS D 22 -33.76 -8.01 -18.93
CA CYS D 22 -33.64 -8.84 -17.74
C CYS D 22 -33.40 -7.97 -16.52
N SER D 23 -34.03 -8.32 -15.41
CA SER D 23 -33.89 -7.59 -14.15
C SER D 23 -33.29 -8.48 -13.08
N ALA D 24 -32.26 -7.99 -12.42
CA ALA D 24 -31.54 -8.73 -11.39
C ALA D 24 -31.98 -8.28 -10.00
N SER D 25 -31.89 -9.19 -9.04
CA SER D 25 -32.33 -8.92 -7.68
C SER D 25 -31.63 -9.86 -6.71
N GLY D 26 -31.36 -9.35 -5.50
CA GLY D 26 -30.86 -10.16 -4.42
C GLY D 26 -29.37 -10.40 -4.38
N PHE D 27 -28.59 -9.73 -5.23
CA PHE D 27 -27.15 -9.93 -5.25
C PHE D 27 -26.50 -8.70 -5.86
N ALA D 28 -25.18 -8.60 -5.68
CA ALA D 28 -24.40 -7.47 -6.16
C ALA D 28 -24.22 -7.59 -7.67
N PHE D 29 -25.18 -6.99 -8.39
CA PHE D 29 -25.22 -7.13 -9.84
C PHE D 29 -23.99 -6.52 -10.51
N SER D 30 -23.43 -5.47 -9.91
CA SER D 30 -22.28 -4.79 -10.52
C SER D 30 -21.02 -5.62 -10.51
N SER D 31 -20.94 -6.68 -9.71
CA SER D 31 -19.74 -7.50 -9.61
C SER D 31 -19.80 -8.77 -10.45
N PHE D 32 -20.86 -8.97 -11.22
CA PHE D 32 -21.06 -10.18 -12.00
C PHE D 32 -21.02 -9.87 -13.50
N GLY D 33 -20.49 -10.83 -14.28
CA GLY D 33 -20.72 -10.82 -15.71
C GLY D 33 -22.01 -11.52 -16.08
N MET D 34 -22.46 -11.30 -17.31
CA MET D 34 -23.75 -11.83 -17.76
C MET D 34 -23.63 -12.47 -19.13
N HIS D 35 -24.50 -13.45 -19.38
CA HIS D 35 -24.53 -14.21 -20.61
C HIS D 35 -25.96 -14.33 -21.13
N TRP D 36 -26.09 -14.63 -22.42
CA TRP D 36 -27.34 -15.06 -23.01
C TRP D 36 -27.13 -16.43 -23.65
N VAL D 37 -28.03 -17.37 -23.35
CA VAL D 37 -27.96 -18.71 -23.88
C VAL D 37 -29.32 -19.07 -24.47
N ARG D 38 -29.30 -19.78 -25.60
CA ARG D 38 -30.49 -20.04 -26.39
C ARG D 38 -30.74 -21.54 -26.49
N GLN D 39 -32.01 -21.92 -26.53
CA GLN D 39 -32.42 -23.30 -26.74
C GLN D 39 -33.51 -23.36 -27.80
N ALA D 40 -33.28 -24.15 -28.84
CA ALA D 40 -34.28 -24.36 -29.89
C ALA D 40 -35.44 -25.19 -29.35
N PRO D 41 -36.60 -25.15 -30.03
CA PRO D 41 -37.77 -25.88 -29.52
C PRO D 41 -37.55 -27.38 -29.33
N GLU D 42 -36.73 -28.01 -30.17
CA GLU D 42 -36.51 -29.45 -30.08
C GLU D 42 -35.02 -29.80 -30.03
N LYS D 43 -34.14 -28.81 -29.99
CA LYS D 43 -32.71 -29.03 -29.99
C LYS D 43 -32.12 -28.67 -28.63
N GLY D 44 -30.79 -28.69 -28.54
CA GLY D 44 -30.08 -28.40 -27.31
C GLY D 44 -29.88 -26.92 -27.08
N LEU D 45 -28.87 -26.61 -26.29
CA LEU D 45 -28.58 -25.24 -25.87
C LEU D 45 -27.55 -24.59 -26.77
N GLU D 46 -27.67 -23.28 -26.96
CA GLU D 46 -26.75 -22.52 -27.80
C GLU D 46 -26.40 -21.19 -27.15
N TRP D 47 -25.12 -20.84 -27.17
CA TRP D 47 -24.66 -19.60 -26.56
C TRP D 47 -24.76 -18.44 -27.54
N VAL D 48 -25.09 -17.25 -27.02
CA VAL D 48 -25.39 -16.08 -27.85
C VAL D 48 -24.38 -14.95 -27.63
N ALA D 49 -24.33 -14.39 -26.42
CA ALA D 49 -23.55 -13.18 -26.18
C ALA D 49 -23.08 -13.13 -24.74
N TYR D 50 -22.10 -12.26 -24.48
CA TYR D 50 -21.45 -12.12 -23.18
C TYR D 50 -21.02 -10.68 -22.97
N ILE D 51 -21.21 -10.16 -21.76
CA ILE D 51 -20.74 -8.83 -21.39
C ILE D 51 -20.04 -8.93 -20.04
N SER D 52 -18.87 -8.30 -19.94
CA SER D 52 -18.02 -8.40 -18.76
C SER D 52 -18.47 -7.43 -17.67
N SER D 53 -17.88 -7.59 -16.48
CA SER D 53 -18.16 -6.70 -15.36
C SER D 53 -17.33 -5.43 -15.50
N GLY D 54 -17.99 -4.28 -15.49
CA GLY D 54 -17.36 -3.02 -15.81
C GLY D 54 -17.38 -2.67 -17.28
N SER D 55 -18.03 -3.47 -18.12
CA SER D 55 -18.22 -3.26 -19.55
C SER D 55 -16.92 -3.28 -20.33
N GLY D 56 -15.86 -3.90 -19.79
CA GLY D 56 -14.58 -3.91 -20.49
C GLY D 56 -14.59 -4.76 -21.74
N THR D 57 -15.25 -5.92 -21.69
CA THR D 57 -15.17 -6.92 -22.74
C THR D 57 -16.57 -7.34 -23.18
N ILE D 58 -16.74 -7.51 -24.49
CA ILE D 58 -17.99 -7.99 -25.07
C ILE D 58 -17.64 -9.01 -26.15
N TYR D 59 -18.39 -10.12 -26.18
CA TYR D 59 -18.21 -11.17 -27.17
C TYR D 59 -19.54 -11.51 -27.83
N TYR D 60 -19.46 -12.04 -29.05
CA TYR D 60 -20.64 -12.46 -29.81
C TYR D 60 -20.36 -13.79 -30.49
N ALA D 61 -21.44 -14.46 -30.90
CA ALA D 61 -21.32 -15.69 -31.66
C ALA D 61 -21.27 -15.38 -33.16
N ASP D 62 -20.61 -16.27 -33.91
CA ASP D 62 -20.44 -16.05 -35.34
C ASP D 62 -21.77 -16.07 -36.08
N THR D 63 -22.68 -16.96 -35.66
CA THR D 63 -23.96 -17.09 -36.36
C THR D 63 -24.82 -15.85 -36.21
N VAL D 64 -24.54 -15.01 -35.21
CA VAL D 64 -25.36 -13.84 -34.92
C VAL D 64 -24.55 -12.55 -34.90
N LYS D 65 -23.25 -12.60 -35.16
CA LYS D 65 -22.42 -11.40 -35.09
C LYS D 65 -22.83 -10.41 -36.18
N GLY D 66 -22.89 -9.13 -35.81
CA GLY D 66 -23.23 -8.07 -36.73
C GLY D 66 -24.68 -7.63 -36.67
N ARG D 67 -25.54 -8.39 -36.00
CA ARG D 67 -26.96 -8.06 -35.92
C ARG D 67 -27.47 -7.90 -34.50
N PHE D 68 -26.70 -8.30 -33.48
CA PHE D 68 -27.16 -8.27 -32.11
C PHE D 68 -26.34 -7.27 -31.29
N THR D 69 -26.98 -6.71 -30.26
CA THR D 69 -26.35 -5.74 -29.37
C THR D 69 -26.67 -6.11 -27.93
N ILE D 70 -25.65 -6.09 -27.06
CA ILE D 70 -25.80 -6.40 -25.64
C ILE D 70 -25.24 -5.24 -24.83
N SER D 71 -26.00 -4.79 -23.84
CA SER D 71 -25.60 -3.66 -23.00
C SER D 71 -26.20 -3.83 -21.60
N ARG D 72 -25.61 -3.12 -20.64
CA ARG D 72 -26.01 -3.21 -19.24
C ARG D 72 -26.11 -1.82 -18.63
N ASP D 73 -26.90 -1.71 -17.57
CA ASP D 73 -27.07 -0.47 -16.81
C ASP D 73 -26.96 -0.81 -15.33
N ASP D 74 -25.74 -0.70 -14.78
CA ASP D 74 -25.45 -1.12 -13.42
C ASP D 74 -26.27 -0.35 -12.38
N PRO D 75 -26.44 0.98 -12.50
CA PRO D 75 -27.33 1.68 -11.56
C PRO D 75 -28.72 1.08 -11.47
N LYS D 76 -29.30 0.63 -12.59
CA LYS D 76 -30.66 0.11 -12.60
C LYS D 76 -30.72 -1.41 -12.51
N ASN D 77 -29.57 -2.10 -12.54
CA ASN D 77 -29.52 -3.56 -12.45
C ASN D 77 -30.33 -4.22 -13.56
N THR D 78 -30.07 -3.83 -14.80
CA THR D 78 -30.84 -4.30 -15.95
C THR D 78 -29.89 -4.74 -17.06
N LEU D 79 -30.31 -5.77 -17.80
CA LEU D 79 -29.57 -6.30 -18.93
C LEU D 79 -30.43 -6.23 -20.19
N PHE D 80 -29.79 -5.96 -21.32
CA PHE D 80 -30.50 -5.75 -22.58
C PHE D 80 -29.89 -6.60 -23.68
N LEU D 81 -30.70 -6.93 -24.68
CA LEU D 81 -30.26 -7.57 -25.91
C LEU D 81 -31.07 -7.03 -27.06
N GLN D 82 -30.41 -6.37 -28.01
CA GLN D 82 -31.06 -5.78 -29.17
C GLN D 82 -30.84 -6.68 -30.38
N MET D 83 -31.92 -7.10 -31.02
CA MET D 83 -31.88 -8.00 -32.17
C MET D 83 -32.56 -7.34 -33.36
N THR D 84 -31.90 -7.40 -34.51
CA THR D 84 -32.40 -6.76 -35.72
C THR D 84 -32.31 -7.74 -36.89
N SER D 85 -33.18 -7.51 -37.88
CA SER D 85 -33.23 -8.30 -39.12
C SER D 85 -33.44 -9.79 -38.80
N LEU D 86 -34.55 -10.06 -38.11
CA LEU D 86 -34.86 -11.43 -37.70
C LEU D 86 -35.17 -12.29 -38.92
N ARG D 87 -34.62 -13.50 -38.94
CA ARG D 87 -34.83 -14.41 -40.05
C ARG D 87 -35.99 -15.37 -39.75
N ASP D 90 -34.72 -18.04 -35.60
CA ASP D 90 -34.63 -17.29 -34.34
C ASP D 90 -35.77 -17.67 -33.40
N THR D 91 -36.54 -18.68 -33.77
CA THR D 91 -37.58 -19.20 -32.89
C THR D 91 -36.96 -20.15 -31.87
N ALA D 92 -36.91 -19.72 -30.61
CA ALA D 92 -36.20 -20.48 -29.59
C ALA D 92 -36.50 -19.90 -28.21
N MET D 93 -35.81 -20.43 -27.21
CA MET D 93 -35.94 -20.01 -25.82
C MET D 93 -34.65 -19.33 -25.37
N TYR D 94 -34.78 -18.18 -24.71
CA TYR D 94 -33.64 -17.37 -24.31
C TYR D 94 -33.54 -17.29 -22.79
N TYR D 95 -32.33 -17.50 -22.27
CA TYR D 95 -32.10 -17.55 -20.83
C TYR D 95 -31.03 -16.54 -20.43
N CYS D 96 -31.02 -16.21 -19.15
CA CYS D 96 -30.06 -15.29 -18.56
C CYS D 96 -29.22 -16.01 -17.52
N VAL D 97 -27.90 -15.86 -17.59
CA VAL D 97 -26.97 -16.56 -16.72
C VAL D 97 -25.98 -15.55 -16.13
N ARG D 98 -25.77 -15.62 -14.83
CA ARG D 98 -24.78 -14.81 -14.14
C ARG D 98 -23.53 -15.64 -13.87
N SER D 99 -22.39 -14.96 -13.85
CA SER D 99 -21.11 -15.65 -13.68
C SER D 99 -20.08 -14.69 -13.11
N ILE D 100 -19.28 -15.19 -12.17
CA ILE D 100 -18.23 -14.40 -11.52
C ILE D 100 -16.92 -15.17 -11.63
N TYR D 101 -15.82 -14.46 -11.78
CA TYR D 101 -14.52 -15.07 -12.08
C TYR D 101 -13.46 -14.51 -11.14
N TYR D 102 -13.00 -15.35 -10.21
CA TYR D 102 -11.77 -15.13 -9.47
C TYR D 102 -11.32 -16.49 -8.97
N TYR D 103 -10.22 -16.49 -8.20
CA TYR D 103 -9.64 -17.76 -7.76
C TYR D 103 -10.65 -18.50 -6.87
N GLY D 104 -11.00 -19.72 -7.27
CA GLY D 104 -11.91 -20.53 -6.50
C GLY D 104 -13.38 -20.23 -6.71
N SER D 105 -13.72 -19.40 -7.69
CA SER D 105 -15.11 -19.01 -7.92
C SER D 105 -15.88 -20.13 -8.61
N SER D 106 -17.20 -19.95 -8.70
CA SER D 106 -18.12 -20.94 -9.27
C SER D 106 -18.93 -20.29 -10.38
N PRO D 107 -18.43 -20.30 -11.61
CA PRO D 107 -19.18 -19.70 -12.72
C PRO D 107 -20.40 -20.51 -13.11
N PHE D 108 -21.33 -19.83 -13.80
CA PHE D 108 -22.55 -20.45 -14.33
C PHE D 108 -23.37 -21.11 -13.22
N ASP D 109 -23.50 -20.42 -12.10
CA ASP D 109 -24.15 -20.97 -10.92
C ASP D 109 -25.65 -20.73 -10.89
N PHE D 110 -26.15 -19.65 -11.48
CA PHE D 110 -27.57 -19.34 -11.45
C PHE D 110 -28.06 -19.03 -12.85
N TRP D 111 -29.23 -19.56 -13.20
CA TRP D 111 -29.86 -19.36 -14.50
C TRP D 111 -31.21 -18.69 -14.30
N GLY D 112 -31.83 -18.30 -15.43
CA GLY D 112 -33.09 -17.60 -15.42
C GLY D 112 -34.26 -18.47 -15.88
N GLN D 113 -35.47 -17.90 -15.75
CA GLN D 113 -36.67 -18.62 -16.13
C GLN D 113 -36.80 -18.73 -17.65
N GLY D 114 -36.57 -17.65 -18.37
CA GLY D 114 -36.55 -17.66 -19.81
C GLY D 114 -37.82 -17.10 -20.41
N THR D 115 -37.68 -16.60 -21.65
CA THR D 115 -38.80 -16.10 -22.43
C THR D 115 -38.66 -16.60 -23.87
N THR D 116 -39.78 -16.68 -24.57
CA THR D 116 -39.84 -17.29 -25.90
C THR D 116 -40.16 -16.25 -26.96
N LEU D 117 -39.46 -16.32 -28.09
CA LEU D 117 -39.71 -15.47 -29.24
C LEU D 117 -39.97 -16.35 -30.45
N THR D 118 -41.06 -16.07 -31.17
CA THR D 118 -41.45 -16.83 -32.35
C THR D 118 -41.47 -15.89 -33.56
N VAL D 119 -40.85 -16.32 -34.65
CA VAL D 119 -40.84 -15.57 -35.90
C VAL D 119 -41.68 -16.31 -36.92
N SER D 120 -42.51 -15.58 -37.67
CA SER D 120 -43.39 -16.19 -38.65
C SER D 120 -42.61 -16.68 -39.86
N SER D 136 -12.72 -24.93 -36.56
CA SER D 136 -11.95 -24.11 -35.63
C SER D 136 -12.63 -24.05 -34.26
N ASP D 137 -13.76 -24.74 -34.14
CA ASP D 137 -14.55 -24.77 -32.91
C ASP D 137 -14.49 -26.17 -32.30
N ILE D 138 -14.42 -26.22 -30.97
CA ILE D 138 -14.35 -27.50 -30.28
C ILE D 138 -15.75 -28.12 -30.25
N VAL D 139 -15.83 -29.41 -30.58
CA VAL D 139 -17.09 -30.11 -30.76
C VAL D 139 -17.36 -30.99 -29.54
N MET D 140 -18.59 -30.92 -29.03
CA MET D 140 -19.08 -31.81 -27.98
C MET D 140 -20.16 -32.71 -28.55
N THR D 141 -19.97 -34.02 -28.40
CA THR D 141 -20.93 -35.01 -28.89
C THR D 141 -21.17 -36.04 -27.79
N GLN D 142 -22.44 -36.38 -27.57
CA GLN D 142 -22.82 -37.41 -26.63
C GLN D 142 -23.38 -38.59 -27.41
N ALA D 143 -22.77 -39.77 -27.23
CA ALA D 143 -23.09 -40.94 -28.03
C ALA D 143 -24.16 -41.83 -27.41
N THR D 144 -24.71 -41.45 -26.26
CA THR D 144 -25.75 -42.23 -25.60
C THR D 144 -26.98 -41.36 -25.39
N SER D 145 -28.15 -41.96 -25.55
CA SER D 145 -29.41 -41.26 -25.35
C SER D 145 -30.49 -42.28 -25.02
N SER D 146 -31.55 -41.79 -24.37
CA SER D 146 -32.70 -42.61 -24.00
C SER D 146 -32.28 -43.83 -23.18
N VAL D 147 -31.37 -43.62 -22.25
CA VAL D 147 -30.85 -44.70 -21.40
C VAL D 147 -31.90 -45.09 -20.38
N PRO D 148 -32.30 -46.35 -20.32
CA PRO D 148 -33.25 -46.79 -19.29
C PRO D 148 -32.59 -46.83 -17.91
N VAL D 149 -33.42 -46.62 -16.89
CA VAL D 149 -32.92 -46.58 -15.52
C VAL D 149 -34.04 -46.95 -14.54
N THR D 150 -33.65 -47.51 -13.40
CA THR D 150 -34.57 -47.86 -12.33
C THR D 150 -34.01 -47.32 -11.02
N PRO D 151 -34.87 -46.96 -10.07
CA PRO D 151 -34.39 -46.43 -8.79
C PRO D 151 -33.50 -47.43 -8.07
N GLY D 152 -32.44 -46.93 -7.45
CA GLY D 152 -31.49 -47.74 -6.73
C GLY D 152 -30.33 -48.26 -7.57
N GLU D 153 -30.35 -48.04 -8.87
CA GLU D 153 -29.31 -48.53 -9.77
C GLU D 153 -28.36 -47.40 -10.17
N SER D 154 -27.08 -47.74 -10.25
CA SER D 154 -26.06 -46.78 -10.63
C SER D 154 -26.17 -46.43 -12.11
N VAL D 155 -25.75 -45.22 -12.45
CA VAL D 155 -25.81 -44.72 -13.83
C VAL D 155 -24.46 -44.10 -14.16
N SER D 156 -23.98 -44.40 -15.38
CA SER D 156 -22.74 -43.83 -15.88
C SER D 156 -22.98 -43.22 -17.25
N ILE D 157 -22.54 -41.99 -17.44
CA ILE D 157 -22.74 -41.24 -18.68
C ILE D 157 -21.43 -40.57 -19.07
N SER D 158 -21.12 -40.61 -20.36
CA SER D 158 -19.87 -40.08 -20.89
C SER D 158 -20.15 -39.04 -21.98
N CYS D 159 -19.28 -38.03 -22.06
CA CYS D 159 -19.35 -36.99 -23.08
C CYS D 159 -17.98 -36.86 -23.71
N ARG D 160 -17.94 -36.60 -25.02
CA ARG D 160 -16.71 -36.62 -25.80
C ARG D 160 -16.36 -35.21 -26.27
N SER D 161 -15.06 -34.98 -26.51
CA SER D 161 -14.55 -33.70 -26.95
C SER D 161 -13.54 -33.93 -28.07
N SER D 162 -13.40 -32.92 -28.94
CA SER D 162 -12.47 -32.97 -30.05
C SER D 162 -11.10 -32.40 -29.71
N LYS D 163 -10.94 -31.79 -28.54
CA LYS D 163 -9.68 -31.20 -28.14
C LYS D 163 -9.54 -31.34 -26.63
N SER D 164 -8.29 -31.37 -26.16
CA SER D 164 -8.02 -31.51 -24.73
C SER D 164 -8.50 -30.27 -23.99
N LEU D 165 -9.17 -30.50 -22.85
CA LEU D 165 -9.65 -29.42 -22.01
C LEU D 165 -8.70 -29.08 -20.87
N LEU D 166 -7.58 -29.78 -20.76
CA LEU D 166 -6.61 -29.54 -19.70
C LEU D 166 -5.66 -28.42 -20.11
N HIS D 167 -5.48 -27.45 -19.21
CA HIS D 167 -4.64 -26.29 -19.46
C HIS D 167 -3.30 -26.44 -18.75
N SER D 168 -2.37 -25.53 -19.08
CA SER D 168 -1.05 -25.56 -18.48
C SER D 168 -1.10 -25.34 -16.98
N ASN D 169 -2.00 -24.47 -16.51
CA ASN D 169 -2.08 -24.20 -15.07
C ASN D 169 -2.56 -25.41 -14.29
N GLY D 170 -3.45 -26.22 -14.87
CA GLY D 170 -3.84 -27.47 -14.24
C GLY D 170 -5.33 -27.68 -14.05
N ASN D 171 -6.15 -26.95 -14.79
CA ASN D 171 -7.60 -27.05 -14.68
C ASN D 171 -8.21 -27.71 -15.91
N THR D 172 -9.27 -28.47 -15.68
CA THR D 172 -10.03 -29.11 -16.75
C THR D 172 -11.39 -28.42 -16.81
N TYR D 173 -11.72 -27.86 -17.98
CA TYR D 173 -12.89 -26.99 -18.11
C TYR D 173 -14.05 -27.77 -18.74
N LEU D 174 -14.71 -28.56 -17.90
CA LEU D 174 -15.93 -29.27 -18.26
C LEU D 174 -16.99 -29.03 -17.20
N TYR D 175 -18.24 -28.87 -17.64
CA TYR D 175 -19.35 -28.54 -16.77
C TYR D 175 -20.51 -29.49 -17.03
N TRP D 176 -21.30 -29.74 -15.98
CA TRP D 176 -22.46 -30.62 -16.05
C TRP D 176 -23.72 -29.87 -15.62
N PHE D 177 -24.80 -30.07 -16.35
CA PHE D 177 -26.07 -29.40 -16.07
C PHE D 177 -27.22 -30.39 -16.12
N LEU D 178 -28.28 -30.06 -15.39
CA LEU D 178 -29.53 -30.83 -15.37
C LEU D 178 -30.70 -29.92 -15.71
N GLN D 179 -31.50 -30.34 -16.69
CA GLN D 179 -32.74 -29.66 -17.06
C GLN D 179 -33.90 -30.63 -16.81
N ARG D 180 -34.55 -30.49 -15.67
CA ARG D 180 -35.73 -31.28 -15.39
C ARG D 180 -36.89 -30.82 -16.29
N PRO D 181 -37.85 -31.70 -16.56
CA PRO D 181 -38.95 -31.32 -17.46
C PRO D 181 -39.72 -30.12 -16.94
N GLY D 182 -39.82 -29.09 -17.80
CA GLY D 182 -40.51 -27.86 -17.45
C GLY D 182 -39.72 -26.90 -16.59
N GLN D 183 -38.40 -27.08 -16.48
CA GLN D 183 -37.58 -26.24 -15.62
C GLN D 183 -36.29 -25.85 -16.34
N SER D 184 -35.68 -24.77 -15.86
CA SER D 184 -34.44 -24.24 -16.40
C SER D 184 -33.26 -25.11 -15.97
N PRO D 185 -32.13 -25.03 -16.69
CA PRO D 185 -30.96 -25.82 -16.32
C PRO D 185 -30.40 -25.43 -14.96
N GLN D 186 -29.74 -26.40 -14.32
CA GLN D 186 -29.13 -26.22 -13.02
C GLN D 186 -27.73 -26.82 -13.02
N LEU D 187 -26.77 -26.06 -12.51
CA LEU D 187 -25.40 -26.54 -12.44
C LEU D 187 -25.27 -27.64 -11.39
N LEU D 188 -24.50 -28.67 -11.73
CA LEU D 188 -24.20 -29.76 -10.81
C LEU D 188 -22.72 -29.87 -10.49
N ILE D 189 -21.85 -29.87 -11.49
CA ILE D 189 -20.41 -30.01 -11.26
C ILE D 189 -19.59 -29.01 -12.08
N TYR D 190 -18.53 -28.39 -11.54
CA TYR D 190 -17.74 -27.39 -12.29
C TYR D 190 -16.27 -27.66 -12.32
N ARG D 191 -15.63 -27.30 -13.42
CA ARG D 191 -14.20 -27.56 -13.66
C ARG D 191 -13.92 -29.07 -13.66
N MET D 192 -15.00 -29.80 -13.99
CA MET D 192 -15.17 -31.23 -14.17
C MET D 192 -15.39 -32.09 -12.93
N ASN D 194 -15.74 -30.63 -9.16
CA ASN D 194 -15.96 -30.03 -7.86
C ASN D 194 -17.42 -29.90 -7.75
N LEU D 195 -18.00 -30.40 -6.68
CA LEU D 195 -19.44 -30.32 -6.48
C LEU D 195 -19.93 -28.94 -6.12
N ALA D 196 -21.05 -28.54 -6.69
CA ALA D 196 -21.63 -27.23 -6.41
C ALA D 196 -22.35 -27.21 -5.07
N SER D 197 -22.72 -26.02 -4.64
CA SER D 197 -23.42 -25.86 -3.37
C SER D 197 -24.90 -26.19 -3.53
N GLY D 198 -25.44 -26.93 -2.57
CA GLY D 198 -26.86 -27.23 -2.53
C GLY D 198 -27.30 -28.47 -3.25
N VAL D 199 -26.39 -29.31 -3.70
CA VAL D 199 -26.72 -30.55 -4.40
C VAL D 199 -26.18 -31.72 -3.57
N PRO D 200 -26.82 -32.89 -3.60
CA PRO D 200 -26.37 -34.00 -2.77
C PRO D 200 -25.03 -34.56 -3.24
N ASP D 201 -24.38 -35.28 -2.33
CA ASP D 201 -23.06 -35.85 -2.58
C ASP D 201 -23.11 -37.15 -3.39
N ARG D 202 -24.28 -37.55 -3.88
CA ARG D 202 -24.36 -38.75 -4.71
C ARG D 202 -23.58 -38.57 -6.00
N PHE D 203 -23.69 -37.40 -6.63
CA PHE D 203 -23.04 -37.15 -7.91
C PHE D 203 -21.53 -37.02 -7.71
N SER D 204 -20.77 -37.55 -8.67
CA SER D 204 -19.32 -37.47 -8.67
C SER D 204 -18.83 -37.25 -10.08
N GLY D 205 -17.67 -36.59 -10.19
CA GLY D 205 -17.10 -36.25 -11.48
C GLY D 205 -15.66 -36.72 -11.58
N SER D 206 -15.34 -37.37 -12.71
CA SER D 206 -13.98 -37.80 -12.99
C SER D 206 -13.84 -37.93 -14.50
N GLY D 207 -12.59 -37.90 -14.97
CA GLY D 207 -12.38 -38.00 -16.39
C GLY D 207 -10.90 -37.96 -16.74
N SER D 208 -10.64 -37.91 -18.05
CA SER D 208 -9.29 -37.90 -18.59
C SER D 208 -9.04 -36.61 -19.35
N GLY D 209 -7.92 -36.55 -20.09
CA GLY D 209 -7.62 -35.38 -20.87
C GLY D 209 -8.68 -35.09 -21.93
N THR D 210 -9.25 -36.14 -22.51
CA THR D 210 -10.27 -35.99 -23.54
C THR D 210 -11.53 -36.80 -23.32
N ALA D 211 -11.55 -37.69 -22.33
CA ALA D 211 -12.70 -38.53 -22.04
C ALA D 211 -13.19 -38.28 -20.63
N PHE D 212 -14.51 -38.15 -20.47
CA PHE D 212 -15.10 -37.76 -19.21
C PHE D 212 -16.31 -38.63 -18.91
N THR D 213 -16.64 -38.75 -17.63
CA THR D 213 -17.80 -39.54 -17.20
C THR D 213 -18.41 -38.92 -15.95
N LEU D 214 -19.74 -38.99 -15.86
CA LEU D 214 -20.50 -38.55 -14.70
C LEU D 214 -21.20 -39.75 -14.08
N THR D 215 -21.04 -39.93 -12.77
CA THR D 215 -21.54 -41.09 -12.06
C THR D 215 -22.55 -40.67 -11.01
N ILE D 216 -23.64 -41.43 -10.88
CA ILE D 216 -24.64 -41.24 -9.84
C ILE D 216 -24.62 -42.48 -8.96
N SER D 217 -24.41 -42.28 -7.65
CA SER D 217 -24.28 -43.42 -6.75
C SER D 217 -25.58 -44.20 -6.62
N ARG D 218 -26.69 -43.50 -6.35
CA ARG D 218 -27.98 -44.14 -6.19
C ARG D 218 -29.02 -43.29 -6.91
N LEU D 219 -29.71 -43.88 -7.88
CA LEU D 219 -30.71 -43.15 -8.64
C LEU D 219 -31.92 -42.82 -7.77
N GLU D 220 -32.53 -41.67 -8.05
CA GLU D 220 -33.71 -41.22 -7.34
C GLU D 220 -34.75 -40.71 -8.33
N ALA D 221 -35.96 -40.49 -7.83
CA ALA D 221 -37.04 -40.03 -8.70
C ALA D 221 -36.78 -38.63 -9.22
N GLU D 222 -36.09 -37.80 -8.43
CA GLU D 222 -35.82 -36.42 -8.83
C GLU D 222 -34.71 -36.31 -9.88
N ASP D 223 -34.01 -37.41 -10.17
CA ASP D 223 -32.89 -37.37 -11.11
C ASP D 223 -33.31 -37.57 -12.56
N VAL D 224 -34.62 -37.68 -12.84
CA VAL D 224 -35.07 -37.86 -14.20
C VAL D 224 -34.99 -36.52 -14.95
N GLY D 225 -34.31 -36.54 -16.08
CA GLY D 225 -34.12 -35.34 -16.88
C GLY D 225 -33.04 -35.57 -17.92
N VAL D 226 -32.54 -34.46 -18.47
CA VAL D 226 -31.54 -34.47 -19.52
C VAL D 226 -30.26 -33.84 -18.99
N TYR D 227 -29.12 -34.47 -19.28
CA TYR D 227 -27.81 -33.94 -18.91
C TYR D 227 -27.19 -33.25 -20.11
N TYR D 228 -26.34 -32.27 -19.83
CA TYR D 228 -25.59 -31.55 -20.86
C TYR D 228 -24.16 -31.35 -20.40
N CYS D 229 -23.21 -31.47 -21.33
CA CYS D 229 -21.82 -31.16 -21.07
C CYS D 229 -21.43 -29.89 -21.81
N MET D 230 -20.51 -29.14 -21.22
CA MET D 230 -20.10 -27.86 -21.77
C MET D 230 -18.61 -27.65 -21.50
N GLN D 231 -18.00 -26.80 -22.31
CA GLN D 231 -16.59 -26.46 -22.17
C GLN D 231 -16.43 -24.95 -22.08
N HIS D 232 -15.43 -24.52 -21.31
CA HIS D 232 -15.16 -23.09 -21.09
C HIS D 232 -13.70 -22.75 -21.38
N LEU D 233 -13.02 -23.57 -22.18
CA LEU D 233 -11.59 -23.35 -22.42
C LEU D 233 -11.35 -22.09 -23.24
N GLU D 234 -12.13 -21.89 -24.30
CA GLU D 234 -11.98 -20.73 -25.16
C GLU D 234 -13.28 -20.47 -25.89
N TYR D 235 -13.49 -19.21 -26.27
CA TYR D 235 -14.71 -18.82 -26.95
C TYR D 235 -14.67 -19.25 -28.41
N PRO D 236 -15.82 -19.64 -28.99
CA PRO D 236 -17.16 -19.69 -28.41
C PRO D 236 -17.39 -20.84 -27.44
N LEU D 237 -18.52 -20.81 -26.74
CA LEU D 237 -18.91 -21.88 -25.82
C LEU D 237 -19.84 -22.84 -26.54
N THR D 238 -19.51 -24.14 -26.46
CA THR D 238 -20.23 -25.17 -27.20
C THR D 238 -20.92 -26.14 -26.25
N PHE D 239 -22.19 -26.42 -26.54
CA PHE D 239 -22.99 -27.35 -25.77
C PHE D 239 -23.01 -28.70 -26.46
N GLY D 240 -22.94 -29.77 -25.68
CA GLY D 240 -23.14 -31.10 -26.21
C GLY D 240 -24.60 -31.38 -26.47
N ALA D 241 -24.86 -32.53 -27.09
CA ALA D 241 -26.23 -32.95 -27.35
C ALA D 241 -26.87 -33.43 -26.04
N GLY D 242 -28.12 -33.89 -26.15
CA GLY D 242 -28.86 -34.33 -24.98
C GLY D 242 -28.56 -35.77 -24.59
N THR D 243 -28.98 -36.10 -23.36
CA THR D 243 -28.90 -37.47 -22.85
C THR D 243 -30.11 -37.67 -21.94
N LYS D 244 -31.09 -38.42 -22.41
CA LYS D 244 -32.37 -38.55 -21.73
C LYS D 244 -32.38 -39.81 -20.87
N LEU D 245 -32.82 -39.67 -19.62
CA LEU D 245 -32.97 -40.79 -18.70
C LEU D 245 -34.45 -41.01 -18.43
N GLU D 246 -34.94 -42.20 -18.75
CA GLU D 246 -36.33 -42.57 -18.51
C GLU D 246 -36.42 -43.44 -17.27
N LEU D 247 -37.63 -43.94 -16.99
CA LEU D 247 -37.84 -44.79 -15.83
C LEU D 247 -38.93 -45.82 -16.12
N DPN E 1 25.96 36.56 -45.10
CA DPN E 1 25.94 37.01 -43.71
C DPN E 1 25.75 35.82 -42.76
O DPN E 1 26.07 34.69 -43.09
CB DPN E 1 27.23 37.78 -43.38
CG DPN E 1 28.43 36.91 -43.12
CD1 DPN E 1 29.18 37.09 -41.97
CD2 DPN E 1 28.80 35.92 -44.01
CE1 DPN E 1 30.28 36.30 -41.72
CE2 DPN E 1 29.90 35.13 -43.76
CZ DPN E 1 30.64 35.32 -42.62
N CYS E 2 25.21 36.10 -41.58
CA CYS E 2 24.89 35.05 -40.63
C CYS E 2 23.46 35.21 -40.12
N PHE E 3 22.69 34.13 -40.17
CA PHE E 3 21.29 34.16 -39.80
C PHE E 3 20.84 32.78 -39.34
N DTR E 4 19.94 32.74 -38.37
CA DTR E 4 19.43 31.48 -37.84
CB DTR E 4 18.18 31.73 -36.99
CG DTR E 4 17.40 30.49 -36.66
CD1 DTR E 4 17.43 29.30 -37.32
NE1 DTR E 4 16.57 28.41 -36.73
CE2 DTR E 4 15.97 29.01 -35.66
CZ2 DTR E 4 15.04 28.52 -34.75
CH2 DTR E 4 14.62 29.36 -33.77
CZ3 DTR E 4 15.08 30.67 -33.66
CE3 DTR E 4 16.01 31.17 -34.56
CD2 DTR E 4 16.47 30.33 -35.58
C DTR E 4 20.49 30.77 -37.01
O DTR E 4 20.79 31.19 -35.89
N LYS E 5 21.08 29.70 -37.56
CA LYS E 5 22.12 28.96 -36.86
C LYS E 5 23.28 28.60 -37.80
N THR E 6 23.36 29.31 -38.93
CA THR E 6 24.39 29.02 -39.93
C THR E 6 24.81 30.33 -40.59
N CYS E 7 26.11 30.45 -40.85
CA CYS E 7 26.62 31.58 -41.62
C CYS E 7 26.72 31.24 -43.10
N THO E 8 26.10 32.06 -43.94
CA THO E 8 26.13 31.86 -45.36
CB THO E 8 24.71 31.74 -45.99
CG2 THO E 8 24.68 32.11 -47.45
OG1 THO E 8 24.17 30.44 -45.77
C THO E 8 26.88 33.01 -46.07
O THO E 8 28.28 32.82 -46.04
N ASN F 82 38.73 25.56 -37.07
CA ASN F 82 37.47 24.84 -37.27
C ASN F 82 37.51 23.48 -36.58
N ALA F 83 38.69 22.87 -36.55
CA ALA F 83 38.84 21.58 -35.90
C ALA F 83 38.62 21.68 -34.39
N VAL F 84 39.16 22.72 -33.77
CA VAL F 84 39.02 22.88 -32.32
C VAL F 84 37.58 23.19 -31.95
N LEU F 85 36.90 24.00 -32.78
CA LEU F 85 35.50 24.32 -32.50
C LEU F 85 34.60 23.12 -32.70
N THR F 86 34.99 22.16 -33.54
CA THR F 86 34.22 20.94 -33.71
C THR F 86 34.39 19.99 -32.52
N PHE F 87 35.46 20.15 -31.75
CA PHE F 87 35.65 19.32 -30.55
C PHE F 87 34.64 19.69 -29.47
N ILE F 88 34.36 20.99 -29.31
CA ILE F 88 33.40 21.44 -28.29
C ILE F 88 31.99 20.95 -28.59
N TYR F 89 31.64 20.79 -29.87
CA TYR F 89 30.30 20.34 -30.24
C TYR F 89 30.00 18.94 -29.75
N PHE F 90 30.96 18.02 -29.84
CA PHE F 90 30.71 16.64 -29.44
C PHE F 90 30.91 16.44 -27.94
N VAL F 91 31.71 17.29 -27.29
CA VAL F 91 31.89 17.18 -25.85
C VAL F 91 30.58 17.47 -25.12
N VAL F 92 29.89 18.54 -25.52
CA VAL F 92 28.64 18.89 -24.86
C VAL F 92 27.55 17.87 -25.16
N CYS F 93 27.66 17.13 -26.26
CA CYS F 93 26.63 16.15 -26.59
C CYS F 93 26.66 14.96 -25.64
N ILE F 94 27.85 14.45 -25.32
CA ILE F 94 27.94 13.29 -24.43
C ILE F 94 27.53 13.67 -23.02
N ILE F 95 27.85 14.90 -22.57
CA ILE F 95 27.48 15.31 -21.22
C ILE F 95 25.97 15.46 -21.11
N GLY F 96 25.33 16.01 -22.13
CA GLY F 96 23.89 16.18 -22.09
C GLY F 96 23.11 14.89 -22.18
N LEU F 97 23.67 13.87 -22.85
CA LEU F 97 22.98 12.60 -22.96
C LEU F 97 23.10 11.79 -21.67
N CYS F 98 24.23 11.93 -20.97
CA CYS F 98 24.41 11.20 -19.72
C CYS F 98 23.50 11.72 -18.61
N GLY F 99 23.42 13.05 -18.46
CA GLY F 99 22.62 13.64 -17.41
C GLY F 99 21.13 13.44 -17.55
N ASN F 100 20.60 13.62 -18.75
CA ASN F 100 19.16 13.53 -18.95
C ASN F 100 18.66 12.09 -18.95
N THR F 101 19.48 11.15 -19.43
CA THR F 101 19.08 9.75 -19.40
C THR F 101 19.11 9.20 -17.97
N LEU F 102 20.09 9.64 -17.17
CA LEU F 102 20.17 9.19 -15.78
C LEU F 102 18.98 9.67 -14.97
N VAL F 103 18.51 10.89 -15.20
CA VAL F 103 17.38 11.43 -14.45
C VAL F 103 16.12 10.62 -14.75
N ILE F 104 15.88 10.30 -16.03
CA ILE F 104 14.69 9.56 -16.41
C ILE F 104 14.68 8.16 -15.80
N TYR F 105 15.83 7.50 -15.73
CA TYR F 105 15.89 6.14 -15.20
C TYR F 105 15.48 6.10 -13.73
N VAL F 106 15.96 7.07 -12.94
CA VAL F 106 15.64 7.08 -11.52
C VAL F 106 14.15 7.34 -11.29
N ILE F 107 13.57 8.27 -12.04
CA ILE F 107 12.15 8.59 -11.86
C ILE F 107 11.28 7.42 -12.28
N LEU F 108 11.67 6.72 -13.35
CA LEU F 108 10.82 5.68 -13.90
C LEU F 108 10.76 4.45 -12.99
N ARG F 109 11.86 4.13 -12.32
CA ARG F 109 11.94 2.91 -11.51
C ARG F 109 12.01 3.22 -10.02
N TYR F 110 12.99 4.03 -9.58
CA TYR F 110 13.18 4.26 -8.16
C TYR F 110 12.03 5.09 -7.57
N ALA F 111 11.69 6.20 -8.22
CA ALA F 111 10.59 7.04 -7.79
C ALA F 111 9.35 6.70 -8.61
N LYS F 112 8.32 7.53 -8.49
CA LYS F 112 7.09 7.35 -9.25
C LYS F 112 6.55 8.72 -9.62
N MET F 113 5.39 8.73 -10.27
CA MET F 113 4.72 9.96 -10.67
C MET F 113 3.62 10.39 -9.70
N LYS F 114 3.77 10.09 -8.41
CA LYS F 114 2.77 10.47 -7.43
C LYS F 114 2.65 11.98 -7.30
N THR F 115 3.79 12.68 -7.32
CA THR F 115 3.81 14.13 -7.16
C THR F 115 3.80 14.81 -8.52
N ILE F 116 3.19 16.01 -8.58
CA ILE F 116 3.15 16.77 -9.81
C ILE F 116 4.55 17.22 -10.23
N THR F 117 5.42 17.44 -9.24
CA THR F 117 6.79 17.85 -9.54
C THR F 117 7.52 16.83 -10.39
N ASN F 118 7.34 15.55 -10.07
CA ASN F 118 7.93 14.49 -10.89
C ASN F 118 7.35 14.49 -12.29
N ILE F 119 6.04 14.77 -12.41
CA ILE F 119 5.40 14.83 -13.73
C ILE F 119 6.05 15.91 -14.58
N TYR F 120 6.29 17.08 -14.00
CA TYR F 120 6.91 18.17 -14.76
C TYR F 120 8.37 17.87 -15.08
N ILE F 121 9.10 17.30 -14.12
CA ILE F 121 10.52 17.00 -14.33
C ILE F 121 10.71 15.98 -15.43
N LEU F 122 9.81 14.98 -15.51
CA LEU F 122 9.92 13.97 -16.55
C LEU F 122 9.84 14.59 -17.94
N ASN F 123 8.85 15.46 -18.15
CA ASN F 123 8.70 16.11 -19.45
C ASN F 123 9.87 17.04 -19.75
N LEU F 124 10.35 17.77 -18.73
CA LEU F 124 11.51 18.62 -18.93
C LEU F 124 12.72 17.80 -19.40
N ALA F 125 12.98 16.68 -18.74
CA ALA F 125 14.10 15.82 -19.12
C ALA F 125 13.93 15.24 -20.52
N ILE F 126 12.72 14.80 -20.87
CA ILE F 126 12.48 14.24 -22.20
C ILE F 126 12.74 15.29 -23.27
N ALA F 127 12.22 16.51 -23.06
CA ALA F 127 12.42 17.58 -24.03
C ALA F 127 13.90 17.92 -24.16
N ASP F 128 14.62 17.99 -23.04
CA ASP F 128 16.04 18.32 -23.09
C ASP F 128 16.83 17.25 -23.82
N GLU F 129 16.50 15.97 -23.60
CA GLU F 129 17.24 14.91 -24.28
C GLU F 129 16.98 14.92 -25.79
N LEU F 130 15.72 15.08 -26.18
CA LEU F 130 15.42 15.19 -27.61
C LEU F 130 16.08 16.42 -28.23
N PHE F 131 16.18 17.51 -27.48
CA PHE F 131 16.91 18.68 -27.95
C PHE F 131 18.39 18.39 -28.16
N MET F 132 19.01 17.68 -27.22
CA MET F 132 20.42 17.35 -27.33
C MET F 132 20.70 16.34 -28.45
N LEU F 133 19.71 15.55 -28.83
CA LEU F 133 19.93 14.56 -29.89
C LEU F 133 20.22 15.18 -31.25
N GLY F 134 19.90 16.46 -31.47
CA GLY F 134 20.08 17.06 -32.79
C GLY F 134 21.43 17.72 -33.01
N LEU F 135 22.31 17.68 -32.03
CA LEU F 135 23.63 18.32 -32.09
C LEU F 135 24.56 17.74 -33.16
N PRO F 136 24.72 16.41 -33.29
CA PRO F 136 25.81 15.90 -34.13
C PRO F 136 25.75 16.34 -35.59
N PHE F 137 24.56 16.54 -36.14
CA PHE F 137 24.45 16.93 -37.55
C PHE F 137 25.04 18.32 -37.80
N LEU F 138 24.81 19.25 -36.86
CA LEU F 138 25.30 20.61 -37.05
C LEU F 138 26.81 20.68 -36.97
N ALA F 139 27.44 19.78 -36.19
CA ALA F 139 28.88 19.79 -36.07
C ALA F 139 29.56 19.40 -37.38
N MET F 140 28.89 18.55 -38.18
CA MET F 140 29.45 18.17 -39.48
C MET F 140 29.44 19.36 -40.45
N GLN F 141 28.45 20.25 -40.31
CA GLN F 141 28.38 21.40 -41.20
C GLN F 141 29.53 22.37 -40.95
N VAL F 142 29.96 22.51 -39.69
CA VAL F 142 31.07 23.41 -39.40
C VAL F 142 32.40 22.70 -39.58
N ALA F 143 32.43 21.38 -39.42
CA ALA F 143 33.64 20.62 -39.73
C ALA F 143 33.90 20.65 -41.24
N LEU F 144 32.89 20.34 -42.03
CA LEU F 144 32.95 20.51 -43.48
C LEU F 144 32.58 21.95 -43.81
N VAL F 145 32.30 22.25 -45.07
CA VAL F 145 31.81 23.55 -45.47
C VAL F 145 30.43 23.49 -46.09
N HIS F 146 29.78 22.32 -46.05
CA HIS F 146 28.47 22.16 -46.65
C HIS F 146 27.70 21.08 -45.93
N TRP F 147 26.51 20.78 -46.46
CA TRP F 147 25.60 19.82 -45.86
C TRP F 147 25.69 18.49 -46.60
N PRO F 148 26.29 17.45 -46.00
CA PRO F 148 26.43 16.18 -46.73
C PRO F 148 25.13 15.42 -46.95
N PHE F 149 24.05 15.78 -46.27
CA PHE F 149 22.79 15.07 -46.40
C PHE F 149 21.90 15.71 -47.47
N GLY F 150 20.64 15.30 -47.53
CA GLY F 150 19.71 15.88 -48.49
C GLY F 150 18.84 16.95 -47.88
N LYS F 151 17.80 17.36 -48.62
CA LYS F 151 16.91 18.40 -48.11
C LYS F 151 15.95 17.85 -47.06
N ALA F 152 15.62 16.56 -47.15
CA ALA F 152 14.66 15.97 -46.21
C ALA F 152 15.21 15.95 -44.79
N ILE F 153 16.48 15.56 -44.62
CA ILE F 153 17.08 15.55 -43.30
C ILE F 153 17.15 16.95 -42.72
N CYS F 154 17.49 17.94 -43.55
CA CYS F 154 17.52 19.33 -43.10
C CYS F 154 16.13 19.78 -42.63
N ARG F 155 15.10 19.49 -43.42
CA ARG F 155 13.76 19.92 -43.06
C ARG F 155 13.24 19.22 -41.82
N VAL F 156 13.62 17.96 -41.59
CA VAL F 156 13.23 17.25 -40.38
C VAL F 156 13.97 17.80 -39.16
N VAL F 157 15.28 18.03 -39.29
CA VAL F 157 16.08 18.41 -38.13
C VAL F 157 15.72 19.83 -37.68
N MET F 158 15.44 20.74 -38.63
CA MET F 158 15.05 22.09 -38.25
C MET F 158 13.78 22.07 -37.41
N THR F 159 12.76 21.35 -37.87
CA THR F 159 11.50 21.26 -37.15
C THR F 159 11.64 20.59 -35.79
N VAL F 160 12.38 19.48 -35.70
CA VAL F 160 12.54 18.80 -34.42
C VAL F 160 13.26 19.70 -33.42
N ASP F 161 14.34 20.36 -33.87
CA ASP F 161 15.10 21.25 -33.00
C ASP F 161 14.23 22.41 -32.51
N GLY F 162 13.49 23.02 -33.43
CA GLY F 162 12.63 24.13 -33.04
C GLY F 162 11.52 23.74 -32.09
N ILE F 163 10.98 22.53 -32.25
CA ILE F 163 9.94 22.08 -31.34
C ILE F 163 10.50 21.84 -29.94
N ASN F 164 11.66 21.17 -29.88
CA ASN F 164 12.26 20.87 -28.58
C ASN F 164 12.64 22.15 -27.84
N GLN F 165 13.18 23.14 -28.54
CA GLN F 165 13.57 24.40 -27.90
C GLN F 165 12.40 25.05 -27.18
N PHE F 166 11.31 25.30 -27.91
CA PHE F 166 10.17 26.00 -27.33
C PHE F 166 9.46 25.16 -26.28
N THR F 167 9.36 23.84 -26.47
CA THR F 167 8.73 23.04 -25.44
C THR F 167 9.55 23.01 -24.16
N SER F 168 10.89 23.00 -24.22
CA SER F 168 11.69 23.08 -23.01
C SER F 168 11.47 24.42 -22.29
N ILE F 169 11.48 25.51 -23.05
CA ILE F 169 11.31 26.83 -22.43
C ILE F 169 9.95 26.93 -21.75
N PHE F 170 8.89 26.49 -22.43
CA PHE F 170 7.56 26.56 -21.84
C PHE F 170 7.38 25.59 -20.67
N CYS F 171 8.04 24.44 -20.69
CA CYS F 171 7.99 23.53 -19.55
C CYS F 171 8.62 24.16 -18.31
N LEU F 172 9.78 24.79 -18.45
CA LEU F 172 10.34 25.45 -17.26
C LEU F 172 9.50 26.64 -16.81
N THR F 173 8.88 27.37 -17.74
CA THR F 173 7.98 28.45 -17.34
C THR F 173 6.79 27.92 -16.52
N VAL F 174 6.17 26.84 -16.98
CA VAL F 174 5.00 26.32 -16.26
C VAL F 174 5.43 25.73 -14.91
N MET F 175 6.62 25.16 -14.83
CA MET F 175 7.14 24.71 -13.54
C MET F 175 7.28 25.88 -12.57
N SER F 176 7.83 27.01 -13.05
CA SER F 176 7.92 28.20 -12.21
C SER F 176 6.56 28.71 -11.76
N ILE F 177 5.55 28.68 -12.63
CA ILE F 177 4.21 29.10 -12.24
C ILE F 177 3.61 28.16 -11.18
N ASP F 178 3.82 26.85 -11.35
CA ASP F 178 3.29 25.90 -10.38
C ASP F 178 3.93 26.08 -9.01
N ARG F 179 5.24 26.34 -8.96
CA ARG F 179 5.87 26.60 -7.66
C ARG F 179 5.26 27.81 -6.97
N TYR F 180 5.02 28.89 -7.70
CA TYR F 180 4.40 30.08 -7.12
C TYR F 180 3.02 29.77 -6.58
N LEU F 181 2.21 29.04 -7.36
CA LEU F 181 0.87 28.68 -6.88
C LEU F 181 0.94 27.81 -5.63
N ALA F 182 1.88 26.86 -5.58
CA ALA F 182 1.97 25.97 -4.43
C ALA F 182 2.41 26.71 -3.17
N VAL F 183 3.35 27.65 -3.30
CA VAL F 183 3.94 28.30 -2.14
C VAL F 183 3.15 29.51 -1.65
N VAL F 184 2.62 30.34 -2.55
CA VAL F 184 1.98 31.59 -2.16
C VAL F 184 0.50 31.45 -1.86
N HIS F 185 -0.18 30.44 -2.41
CA HIS F 185 -1.61 30.27 -2.20
C HIS F 185 -1.88 28.85 -1.73
N PRO F 186 -1.45 28.49 -0.51
CA PRO F 186 -1.53 27.08 -0.09
C PRO F 186 -2.95 26.54 0.02
N ILE F 187 -3.94 27.36 0.38
CA ILE F 187 -5.29 26.87 0.63
C ILE F 187 -6.20 27.00 -0.59
N LYS F 188 -6.12 28.09 -1.34
CA LYS F 188 -6.98 28.30 -2.49
C LYS F 188 -6.61 27.45 -3.69
N SER F 189 -5.34 27.06 -3.83
CA SER F 189 -4.88 26.29 -4.97
C SER F 189 -5.04 24.79 -4.79
N ALA F 190 -5.38 24.33 -3.58
CA ALA F 190 -5.50 22.89 -3.34
C ALA F 190 -6.67 22.28 -4.11
N LYS F 191 -7.67 23.09 -4.47
CA LYS F 191 -8.84 22.60 -5.20
C LYS F 191 -8.62 22.59 -6.71
N TRP F 192 -7.45 23.02 -7.19
CA TRP F 192 -7.18 23.06 -8.63
C TRP F 192 -5.80 22.51 -8.95
N ARG F 193 -5.34 21.54 -8.16
CA ARG F 193 -4.05 20.91 -8.39
C ARG F 193 -4.22 19.40 -8.26
N ARG F 194 -4.02 18.69 -9.37
CA ARG F 194 -4.21 17.25 -9.42
C ARG F 194 -3.43 16.66 -10.59
N PRO F 195 -3.07 15.37 -10.54
CA PRO F 195 -2.30 14.78 -11.64
C PRO F 195 -2.99 14.85 -13.00
N ARG F 196 -4.33 14.81 -13.04
CA ARG F 196 -5.03 14.92 -14.32
C ARG F 196 -4.76 16.27 -14.98
N THR F 197 -4.78 17.35 -14.18
CA THR F 197 -4.51 18.67 -14.71
C THR F 197 -3.09 18.78 -15.27
N ALA F 198 -2.09 18.23 -14.57
CA ALA F 198 -0.73 18.25 -15.08
C ALA F 198 -0.60 17.45 -16.37
N LYS F 199 -1.26 16.28 -16.41
CA LYS F 199 -1.24 15.46 -17.62
C LYS F 199 -1.85 16.20 -18.80
N MET F 200 -2.90 16.98 -18.56
CA MET F 200 -3.48 17.77 -19.65
C MET F 200 -2.59 18.94 -20.04
N ILE F 201 -1.93 19.57 -19.06
CA ILE F 201 -1.08 20.71 -19.34
C ILE F 201 0.12 20.31 -20.19
N THR F 202 0.68 19.12 -19.94
CA THR F 202 1.81 18.66 -20.75
C THR F 202 1.41 18.53 -22.21
N MET F 203 0.27 17.88 -22.47
CA MET F 203 -0.19 17.76 -23.85
C MET F 203 -0.48 19.13 -24.46
N ALA F 204 -1.04 20.04 -23.66
CA ALA F 204 -1.34 21.37 -24.16
C ALA F 204 -0.08 22.10 -24.61
N VAL F 205 0.99 22.02 -23.82
CA VAL F 205 2.21 22.75 -24.17
C VAL F 205 2.87 22.12 -25.39
N TRP F 206 2.86 20.78 -25.48
CA TRP F 206 3.37 20.13 -26.69
C TRP F 206 2.60 20.60 -27.93
N GLY F 207 1.27 20.61 -27.84
CA GLY F 207 0.48 21.05 -28.97
C GLY F 207 0.73 22.51 -29.34
N VAL F 208 0.91 23.36 -28.33
CA VAL F 208 1.14 24.78 -28.59
C VAL F 208 2.48 24.99 -29.29
N SER F 209 3.51 24.26 -28.88
CA SER F 209 4.80 24.35 -29.57
C SER F 209 4.66 23.90 -31.02
N LEU F 210 3.97 22.79 -31.25
CA LEU F 210 3.74 22.31 -32.61
C LEU F 210 2.98 23.35 -33.44
N LEU F 211 2.00 24.01 -32.83
CA LEU F 211 1.22 25.01 -33.57
C LEU F 211 2.06 26.24 -33.90
N VAL F 212 2.94 26.66 -32.98
CA VAL F 212 3.71 27.88 -33.22
C VAL F 212 4.95 27.66 -34.07
N ILE F 213 5.32 26.41 -34.36
CA ILE F 213 6.51 26.16 -35.16
C ILE F 213 6.18 26.11 -36.66
N LEU F 214 5.00 26.56 -37.08
CA LEU F 214 4.59 26.43 -38.48
C LEU F 214 5.52 27.10 -39.49
N PRO F 215 5.98 28.35 -39.30
CA PRO F 215 6.82 28.98 -40.35
C PRO F 215 8.07 28.19 -40.69
N ILE F 216 8.73 27.58 -39.70
CA ILE F 216 9.95 26.83 -39.98
C ILE F 216 9.67 25.62 -40.84
N MET F 217 8.57 24.93 -40.55
CA MET F 217 8.21 23.73 -41.30
C MET F 217 7.69 24.04 -42.70
N ILE F 218 6.98 25.15 -42.89
CA ILE F 218 6.50 25.51 -44.22
C ILE F 218 7.64 25.93 -45.16
N TYR F 219 8.59 26.74 -44.70
CA TYR F 219 9.69 27.21 -45.53
C TYR F 219 11.01 26.75 -44.94
N ALA F 220 11.73 25.91 -45.68
CA ALA F 220 13.05 25.44 -45.28
C ALA F 220 13.73 24.74 -46.45
N GLY F 221 15.03 24.53 -46.37
CA GLY F 221 15.73 23.79 -47.40
C GLY F 221 17.18 24.24 -47.51
N LEU F 222 17.77 23.86 -48.64
CA LEU F 222 19.16 24.17 -48.92
C LEU F 222 19.30 25.57 -49.51
N ARG F 223 20.52 26.09 -49.47
CA ARG F 223 20.82 27.40 -50.04
C ARG F 223 22.31 27.45 -50.35
N SER F 224 22.65 27.94 -51.54
CA SER F 224 24.02 28.06 -51.94
C SER F 224 24.64 29.12 -51.10
N ASN F 225 25.88 28.91 -50.68
CA ASN F 225 26.58 29.88 -49.87
C ASN F 225 27.83 30.30 -50.62
N GLN F 226 28.63 31.10 -49.95
CA GLN F 226 29.93 31.47 -50.45
C GLN F 226 30.82 30.26 -50.24
N TRP F 227 32.08 30.35 -50.64
CA TRP F 227 33.01 29.24 -50.48
C TRP F 227 32.54 28.03 -51.30
N GLY F 228 31.79 28.27 -52.36
CA GLY F 228 31.35 27.20 -53.25
C GLY F 228 30.70 25.95 -52.70
N ARG F 229 29.68 26.10 -51.85
CA ARG F 229 29.03 24.93 -51.26
C ARG F 229 27.59 25.22 -50.83
N SER F 230 26.92 24.22 -50.27
CA SER F 230 25.55 24.38 -49.82
C SER F 230 25.37 24.37 -48.32
N SER F 231 24.29 24.96 -47.78
CA SER F 231 24.09 24.91 -46.34
C SER F 231 22.61 24.85 -46.02
N CYS F 232 22.29 24.15 -44.93
CA CYS F 232 20.91 24.02 -44.47
C CYS F 232 20.48 25.27 -43.72
N THR F 233 19.56 26.03 -44.33
CA THR F 233 19.07 27.28 -43.78
C THR F 233 17.57 27.44 -43.97
N ILE F 234 17.05 28.64 -43.76
CA ILE F 234 15.64 28.94 -43.95
C ILE F 234 15.51 29.99 -45.06
N ASN F 235 14.63 29.73 -46.01
CA ASN F 235 14.38 30.62 -47.13
C ASN F 235 13.03 31.32 -46.95
N TRP F 236 12.94 32.52 -47.48
CA TRP F 236 11.72 33.33 -47.36
C TRP F 236 11.14 33.62 -48.73
N PRO F 237 9.83 33.83 -48.84
CA PRO F 237 9.25 34.19 -50.13
C PRO F 237 9.59 35.62 -50.51
N GLY F 238 10.31 35.76 -51.63
CA GLY F 238 10.73 37.06 -52.10
C GLY F 238 12.09 37.48 -51.57
N GLU F 239 12.56 36.78 -50.53
CA GLU F 239 13.88 37.03 -49.93
C GLU F 239 14.05 38.47 -49.48
N SER F 240 12.97 39.08 -48.99
CA SER F 240 13.04 40.45 -48.50
C SER F 240 13.52 40.49 -47.05
N GLY F 241 14.10 41.63 -46.68
CA GLY F 241 14.55 41.82 -45.32
C GLY F 241 13.43 42.01 -44.32
N ALA F 242 12.25 42.40 -44.79
CA ALA F 242 11.10 42.53 -43.91
C ALA F 242 10.75 41.20 -43.26
N TRP F 243 10.79 40.12 -44.04
CA TRP F 243 10.56 38.79 -43.49
C TRP F 243 11.60 38.41 -42.45
N TYR F 244 12.88 38.72 -42.71
CA TYR F 244 13.92 38.41 -41.74
C TYR F 244 13.68 39.15 -40.42
N THR F 245 13.40 40.46 -40.50
CA THR F 245 13.17 41.24 -39.28
C THR F 245 11.92 40.74 -38.56
N GLY F 246 10.86 40.41 -39.29
CA GLY F 246 9.65 39.90 -38.67
C GLY F 246 9.87 38.58 -37.96
N PHE F 247 10.61 37.66 -38.59
CA PHE F 247 10.88 36.38 -37.95
C PHE F 247 11.74 36.56 -36.70
N ILE F 248 12.75 37.44 -36.78
CA ILE F 248 13.58 37.69 -35.60
C ILE F 248 12.81 38.31 -34.46
N ILE F 249 11.89 39.23 -34.74
CA ILE F 249 11.04 39.79 -33.69
C ILE F 249 10.12 38.71 -33.12
N TYR F 250 9.56 37.88 -34.01
CA TYR F 250 8.62 36.84 -33.59
C TYR F 250 9.26 35.85 -32.65
N THR F 251 10.48 35.38 -32.98
CA THR F 251 11.15 34.41 -32.12
C THR F 251 11.75 35.05 -30.88
N PHE F 252 11.92 36.37 -30.85
CA PHE F 252 12.46 37.07 -29.69
C PHE F 252 11.38 37.41 -28.67
N ILE F 253 10.17 37.72 -29.12
CA ILE F 253 9.10 38.08 -28.18
C ILE F 253 8.66 36.85 -27.40
N LEU F 254 8.47 35.71 -28.07
CA LEU F 254 7.94 34.52 -27.42
C LEU F 254 9.03 33.63 -26.84
N GLY F 255 10.29 33.92 -27.12
CA GLY F 255 11.39 33.09 -26.65
C GLY F 255 12.22 33.64 -25.52
N PHE F 256 12.28 34.97 -25.36
CA PHE F 256 13.09 35.54 -24.29
C PHE F 256 12.28 36.37 -23.29
N LEU F 257 11.48 37.30 -23.79
CA LEU F 257 10.93 38.35 -22.93
C LEU F 257 9.89 37.81 -21.94
N VAL F 258 8.80 37.25 -22.47
CA VAL F 258 7.69 36.85 -21.60
C VAL F 258 8.08 35.78 -20.60
N PRO F 259 8.77 34.68 -20.97
CA PRO F 259 9.20 33.71 -19.95
C PRO F 259 10.07 34.33 -18.87
N LEU F 260 10.98 35.21 -19.27
CA LEU F 260 11.86 35.87 -18.30
C LEU F 260 11.05 36.71 -17.32
N THR F 261 10.10 37.50 -17.82
CA THR F 261 9.29 38.34 -16.94
C THR F 261 8.48 37.49 -15.97
N ILE F 262 7.86 36.41 -16.48
CA ILE F 262 7.03 35.57 -15.62
C ILE F 262 7.87 34.91 -14.54
N ILE F 263 9.03 34.38 -14.91
CA ILE F 263 9.90 33.73 -13.94
C ILE F 263 10.36 34.71 -12.87
N CYS F 264 10.77 35.91 -13.31
CA CYS F 264 11.24 36.91 -12.36
C CYS F 264 10.14 37.31 -11.39
N LEU F 265 8.92 37.55 -11.89
CA LEU F 265 7.83 37.94 -11.00
C LEU F 265 7.50 36.84 -10.00
N CYS F 266 7.41 35.59 -10.48
CA CYS F 266 7.06 34.49 -9.59
C CYS F 266 8.12 34.29 -8.50
N TYR F 267 9.40 34.31 -8.88
CA TYR F 267 10.45 34.13 -7.88
C TYR F 267 10.54 35.30 -6.92
N LEU F 268 10.33 36.53 -7.40
CA LEU F 268 10.35 37.68 -6.51
C LEU F 268 9.24 37.60 -5.48
N PHE F 269 8.03 37.24 -5.92
CA PHE F 269 6.92 37.10 -4.97
C PHE F 269 7.13 35.94 -4.00
N ILE F 270 7.73 34.83 -4.46
CA ILE F 270 8.05 33.75 -3.55
C ILE F 270 9.03 34.22 -2.47
N ILE F 271 10.08 34.94 -2.87
CA ILE F 271 11.06 35.43 -1.91
C ILE F 271 10.42 36.39 -0.93
N ILE F 272 9.53 37.26 -1.40
CA ILE F 272 8.83 38.18 -0.50
C ILE F 272 7.98 37.40 0.50
N LYS F 273 7.24 36.40 0.03
CA LYS F 273 6.34 35.66 0.90
C LYS F 273 7.10 34.87 1.96
N VAL F 274 8.21 34.23 1.57
CA VAL F 274 8.90 33.32 2.49
C VAL F 274 9.45 34.06 3.70
N LYS F 275 9.96 35.28 3.49
CA LYS F 275 10.59 36.03 4.57
C LYS F 275 9.61 36.51 5.63
N SER F 276 8.31 36.42 5.38
CA SER F 276 7.29 36.91 6.30
C SER F 276 6.73 35.83 7.21
N VAL F 277 7.23 34.61 7.15
CA VAL F 277 6.69 33.49 7.91
C VAL F 277 7.45 33.37 9.22
N ARG F 278 6.71 33.34 10.33
CA ARG F 278 7.33 33.27 11.64
C ARG F 278 8.02 31.92 11.86
N LEU F 279 7.39 30.83 11.43
CA LEU F 279 7.95 29.50 11.63
C LEU F 279 9.23 29.28 10.85
N LEU F 280 9.48 30.10 9.81
CA LEU F 280 10.64 29.93 8.94
C LEU F 280 11.69 31.01 9.16
N SER F 281 11.79 31.56 10.36
CA SER F 281 12.73 32.63 10.65
C SER F 281 13.06 32.62 12.14
N GLY F 282 13.68 33.69 12.63
CA GLY F 282 14.03 33.81 14.03
C GLY F 282 15.43 33.38 14.41
N SER F 283 15.70 32.08 14.36
CA SER F 283 17.00 31.57 14.78
C SER F 283 18.05 31.77 13.69
N ARG F 284 19.31 31.63 14.09
CA ARG F 284 20.41 31.76 13.13
C ARG F 284 20.37 30.65 12.08
N GLU F 285 20.05 29.43 12.51
CA GLU F 285 19.94 28.32 11.57
C GLU F 285 18.83 28.57 10.56
N LYS F 286 17.76 29.25 10.99
CA LYS F 286 16.69 29.60 10.07
C LYS F 286 17.19 30.52 8.95
N ASP F 287 17.98 31.53 9.31
CA ASP F 287 18.54 32.43 8.28
C ASP F 287 19.53 31.69 7.40
N ARG F 288 20.34 30.81 8.00
CA ARG F 288 21.29 30.03 7.21
C ARG F 288 20.58 29.15 6.18
N ASN F 289 19.46 28.54 6.57
CA ASN F 289 18.70 27.74 5.63
C ASN F 289 17.96 28.60 4.62
N LEU F 290 17.55 29.81 5.01
CA LEU F 290 16.80 30.67 4.10
C LEU F 290 17.69 31.27 3.02
N ARG F 291 18.97 31.50 3.31
CA ARG F 291 19.86 32.10 2.31
C ARG F 291 20.01 31.18 1.09
N LYS F 292 19.90 29.86 1.30
CA LYS F 292 20.08 28.91 0.22
C LYS F 292 19.02 29.07 -0.86
N VAL F 293 17.77 29.34 -0.47
CA VAL F 293 16.70 29.53 -1.43
C VAL F 293 16.99 30.72 -2.34
N THR F 294 17.43 31.83 -1.74
CA THR F 294 17.76 33.02 -2.53
C THR F 294 18.93 32.74 -3.47
N ARG F 295 19.95 32.04 -2.98
CA ARG F 295 21.09 31.72 -3.84
C ARG F 295 20.67 30.86 -5.03
N MET F 296 19.84 29.85 -4.77
CA MET F 296 19.39 28.96 -5.84
C MET F 296 18.55 29.71 -6.86
N VAL F 297 17.65 30.58 -6.40
CA VAL F 297 16.81 31.35 -7.32
C VAL F 297 17.67 32.26 -8.18
N SER F 298 18.67 32.92 -7.57
CA SER F 298 19.55 33.79 -8.34
C SER F 298 20.33 33.02 -9.40
N ILE F 299 20.83 31.83 -9.05
CA ILE F 299 21.57 31.02 -10.01
C ILE F 299 20.67 30.61 -11.17
N VAL F 300 19.45 30.14 -10.86
CA VAL F 300 18.53 29.70 -11.89
C VAL F 300 18.19 30.85 -12.84
N VAL F 301 17.97 32.05 -12.30
CA VAL F 301 17.72 33.21 -13.15
C VAL F 301 18.91 33.60 -13.99
N ALA F 302 20.12 33.61 -13.43
CA ALA F 302 21.31 34.09 -14.12
C ALA F 302 21.75 33.16 -15.25
N VAL F 303 21.64 31.85 -15.05
CA VAL F 303 22.13 30.90 -16.05
C VAL F 303 21.38 31.05 -17.36
N PHE F 304 20.06 31.23 -17.28
CA PHE F 304 19.24 31.38 -18.49
C PHE F 304 19.69 32.58 -19.31
N ILE F 305 19.85 33.74 -18.66
CA ILE F 305 20.26 34.94 -19.38
C ILE F 305 21.65 34.75 -19.98
N PHE F 306 22.59 34.22 -19.20
CA PHE F 306 23.95 34.05 -19.70
C PHE F 306 23.99 33.11 -20.90
N CYS F 307 23.12 32.09 -20.92
CA CYS F 307 23.12 31.14 -22.03
C CYS F 307 22.44 31.74 -23.27
N TRP F 308 21.37 32.51 -23.09
CA TRP F 308 20.54 32.86 -24.23
C TRP F 308 20.65 34.30 -24.70
N LEU F 309 21.46 35.15 -24.06
CA LEU F 309 21.49 36.54 -24.51
C LEU F 309 22.36 36.78 -25.75
N PRO F 310 23.61 36.29 -25.79
CA PRO F 310 24.46 36.60 -26.97
C PRO F 310 23.88 36.13 -28.29
N PHE F 311 23.21 34.98 -28.31
CA PHE F 311 22.61 34.47 -29.54
C PHE F 311 21.63 35.49 -30.12
N TYR F 312 20.67 35.94 -29.31
CA TYR F 312 19.67 36.88 -29.78
C TYR F 312 20.26 38.24 -30.10
N ILE F 313 21.21 38.73 -29.28
CA ILE F 313 21.75 40.04 -29.59
C ILE F 313 22.53 40.03 -30.91
N PHE F 314 23.29 38.96 -31.17
CA PHE F 314 24.09 38.92 -32.39
C PHE F 314 23.19 38.70 -33.61
N ASN F 315 22.15 37.88 -33.45
CA ASN F 315 21.20 37.71 -34.55
C ASN F 315 20.46 39.00 -34.87
N VAL F 316 20.07 39.76 -33.84
CA VAL F 316 19.39 41.03 -34.08
C VAL F 316 20.31 42.03 -34.76
N SER F 317 21.57 42.12 -34.30
CA SER F 317 22.50 43.06 -34.91
C SER F 317 22.88 42.66 -36.33
N SER F 318 22.84 41.36 -36.63
CA SER F 318 23.23 40.90 -37.96
C SER F 318 22.17 41.20 -39.03
N VAL F 319 20.92 41.44 -38.63
CA VAL F 319 19.85 41.64 -39.60
C VAL F 319 19.57 43.12 -39.77
N SER F 320 20.40 43.97 -39.18
CA SER F 320 20.19 45.41 -39.27
C SER F 320 21.29 46.08 -40.07
N MET F 321 22.55 45.86 -39.69
CA MET F 321 23.66 46.49 -40.39
C MET F 321 24.36 45.48 -41.28
N ALA F 322 24.88 45.94 -42.40
CA ALA F 322 25.66 45.08 -43.30
C ALA F 322 27.03 44.83 -42.71
N ILE F 323 27.42 43.55 -42.69
CA ILE F 323 28.66 43.11 -42.08
C ILE F 323 29.50 42.36 -43.10
N SER F 324 30.76 42.74 -43.22
CA SER F 324 31.68 42.13 -44.17
C SER F 324 32.08 40.74 -43.68
N PRO F 325 32.06 39.72 -44.53
CA PRO F 325 32.40 38.36 -44.07
C PRO F 325 33.87 38.19 -43.71
N THR F 326 34.14 37.73 -42.49
CA THR F 326 35.49 37.40 -42.05
C THR F 326 35.47 36.05 -41.34
N PRO F 327 36.57 35.29 -41.38
CA PRO F 327 36.59 34.01 -40.65
C PRO F 327 36.42 34.15 -39.14
N ALA F 328 36.92 35.25 -38.55
CA ALA F 328 36.75 35.46 -37.12
C ALA F 328 35.27 35.58 -36.75
N LEU F 329 34.50 36.29 -37.58
CA LEU F 329 33.07 36.40 -37.33
C LEU F 329 32.37 35.05 -37.46
N LYS F 330 32.82 34.23 -38.41
CA LYS F 330 32.26 32.89 -38.55
C LYS F 330 32.56 32.04 -37.30
N GLY F 331 33.78 32.17 -36.76
CA GLY F 331 34.09 31.45 -35.53
C GLY F 331 33.27 31.94 -34.36
N MET F 332 33.08 33.25 -34.24
CA MET F 332 32.30 33.81 -33.15
C MET F 332 30.84 33.38 -33.21
N PHE F 333 30.25 33.39 -34.41
CA PHE F 333 28.86 32.95 -34.54
C PHE F 333 28.71 31.48 -34.18
N ASP F 334 29.66 30.65 -34.60
CA ASP F 334 29.59 29.23 -34.27
C ASP F 334 29.85 28.99 -32.79
N PHE F 335 30.59 29.87 -32.13
CA PHE F 335 30.78 29.73 -30.69
C PHE F 335 29.53 30.13 -29.91
N VAL F 336 28.86 31.21 -30.33
CA VAL F 336 27.69 31.66 -29.56
C VAL F 336 26.53 30.68 -29.70
N VAL F 337 26.57 29.79 -30.70
CA VAL F 337 25.50 28.82 -30.87
C VAL F 337 25.53 27.74 -29.80
N VAL F 338 26.72 27.23 -29.44
CA VAL F 338 26.78 26.12 -28.50
C VAL F 338 26.34 26.50 -27.08
N LEU F 339 26.50 27.77 -26.69
CA LEU F 339 26.00 28.20 -25.39
C LEU F 339 24.50 28.00 -25.28
N THR F 340 23.78 28.05 -26.40
CA THR F 340 22.36 27.74 -26.40
C THR F 340 22.10 26.31 -25.94
N TYR F 341 22.92 25.36 -26.39
CA TYR F 341 22.76 23.97 -25.99
C TYR F 341 23.38 23.70 -24.63
N ALA F 342 24.23 24.59 -24.13
CA ALA F 342 24.83 24.39 -22.82
C ALA F 342 23.82 24.57 -21.68
N ASN F 343 22.70 25.26 -21.94
CA ASN F 343 21.70 25.43 -20.88
C ASN F 343 20.98 24.12 -20.58
N SER F 344 20.72 23.30 -21.59
CA SER F 344 20.06 22.03 -21.39
C SER F 344 20.93 21.00 -20.68
N CYS F 345 22.23 21.27 -20.53
CA CYS F 345 23.11 20.43 -19.74
C CYS F 345 23.14 20.80 -18.28
N ALA F 346 22.41 21.84 -17.87
CA ALA F 346 22.40 22.31 -16.50
C ALA F 346 21.08 22.06 -15.79
N ASN F 347 20.01 21.76 -16.51
CA ASN F 347 18.72 21.52 -15.88
C ASN F 347 18.72 20.33 -14.92
N PRO F 348 19.28 19.16 -15.24
CA PRO F 348 19.32 18.08 -14.24
C PRO F 348 20.07 18.45 -12.98
N ILE F 349 21.12 19.26 -13.10
CA ILE F 349 21.88 19.68 -11.91
C ILE F 349 21.02 20.57 -11.02
N LEU F 350 20.35 21.56 -11.61
CA LEU F 350 19.61 22.53 -10.81
C LEU F 350 18.33 21.95 -10.25
N TYR F 351 17.62 21.14 -11.03
CA TYR F 351 16.27 20.70 -10.67
C TYR F 351 16.22 19.31 -10.08
N ALA F 352 17.19 18.44 -10.36
CA ALA F 352 17.13 17.05 -9.92
C ALA F 352 18.26 16.71 -8.95
N PHE F 353 19.52 16.97 -9.31
CA PHE F 353 20.63 16.50 -8.48
C PHE F 353 20.80 17.31 -7.20
N LEU F 354 20.10 18.43 -7.05
CA LEU F 354 20.17 19.23 -5.83
C LEU F 354 18.87 19.20 -5.03
N SER F 355 17.91 18.36 -5.43
CA SER F 355 16.69 18.20 -4.65
C SER F 355 16.87 17.11 -3.61
N ASP F 356 16.34 17.35 -2.41
CA ASP F 356 16.48 16.37 -1.33
C ASP F 356 15.74 15.07 -1.66
N ASN F 357 14.55 15.18 -2.25
CA ASN F 357 13.77 13.99 -2.59
C ASN F 357 14.49 13.13 -3.62
N PHE F 358 15.00 13.76 -4.68
CA PHE F 358 15.73 13.01 -5.70
C PHE F 358 17.05 12.47 -5.16
N LYS F 359 17.70 13.21 -4.27
CA LYS F 359 18.94 12.72 -3.66
C LYS F 359 18.66 11.48 -2.81
N LYS F 360 17.55 11.47 -2.08
CA LYS F 360 17.19 10.27 -1.31
C LYS F 360 16.81 9.11 -2.22
N SER F 361 16.10 9.40 -3.32
CA SER F 361 15.64 8.33 -4.20
C SER F 361 16.79 7.72 -5.01
N PHE F 362 17.81 8.51 -5.32
CA PHE F 362 18.91 8.02 -6.15
C PHE F 362 19.69 6.91 -5.45
N GLN F 363 19.93 7.08 -4.14
CA GLN F 363 20.72 6.08 -3.42
C GLN F 363 19.98 4.76 -3.30
N ASN F 364 18.66 4.77 -3.48
CA ASN F 364 17.87 3.55 -3.32
C ASN F 364 18.17 2.52 -4.42
N VAL F 365 18.57 2.98 -5.60
CA VAL F 365 18.81 2.07 -6.72
C VAL F 365 20.26 2.20 -7.18
N LEU F 366 21.07 2.93 -6.42
CA LEU F 366 22.47 3.13 -6.77
C LEU F 366 23.29 3.52 -5.55
#